data_1KWK
#
_entry.id   1KWK
#
_cell.length_a   97.592
_cell.length_b   97.592
_cell.length_c   128.898
_cell.angle_alpha   90.00
_cell.angle_beta   90.00
_cell.angle_gamma   120.00
#
_symmetry.space_group_name_H-M   'P 3 2 1'
#
loop_
_entity.id
_entity.type
_entity.pdbx_description
1 polymer BETA-GALACTOSIDASE
2 non-polymer beta-D-galactopyranose
3 non-polymer 'CHLORIDE ION'
4 non-polymer 'ACETATE ION'
5 non-polymer 'ZINC ION'
6 non-polymer (4S)-2-METHYL-2,4-PENTANEDIOL
7 water water
#
_entity_poly.entity_id   1
_entity_poly.type   'polypeptide(L)'
_entity_poly.pdbx_seq_one_letter_code
;MLGVCYYPEHWPKERWKEDARRMREAGLSHVRIGEFAWALLEPEPGRLEWGWLDEAIATLAAEGLKVVLGTPTATPPKWL
VDRYPEILPVDREGRRRRFGGRRHYCFSSPVYREEARRIVTLLAERYGGLEAVAGFQTDNEYGCHDTVRCYCPRCQEAFR
GWLEARYGTIEALNEAWGTAFWSQRYRSFAEVELPHLTVAEPNPSHLLDYYRFASDQVRAFNRLQVEILRAHAPGKFVTH
NFMGFFTDLDAFALAQDLDFASWDSYPLGFTDLMPLPPEEKLRYARTGHPDVAAFHHDLYRGVGRGRFWVMEQQPGPVNW
APHNPSPAPGMVRLWTWEALAHGAEVVSYFRWRQAPFAQEQMHAGLHRPDSAPDQGFFEAKRVAEELAALALPPVAQAPV
ALVFDYEAAWIYEVQPQGAEWSYLGLVYLFYSALRRLGLDVDVVPPGASLRGYAFAVVPSLPIVREEALEAFREAEGPVL
FGPRSGSKTETFQIPKELPPGPLQALLPLKVVRVESLPPGLLEVAEGALGRFPLGLWREWVEAPLKPLLTFQDGKGALYR
EGRYLYLAAWPSPELAGRLLSALAAEAGLKVLSLPEGLRLRRRGTWVFAFNYGPEAVEAPASEGARFLLGSRRVGPYDLA
VWEEA
;
_entity_poly.pdbx_strand_id   A
#
loop_
_chem_comp.id
_chem_comp.type
_chem_comp.name
_chem_comp.formula
ACT non-polymer 'ACETATE ION' 'C2 H3 O2 -1'
CL non-polymer 'CHLORIDE ION' 'Cl -1'
GAL D-saccharide, beta linking beta-D-galactopyranose 'C6 H12 O6'
MPD non-polymer (4S)-2-METHYL-2,4-PENTANEDIOL 'C6 H14 O2'
ZN non-polymer 'ZINC ION' 'Zn 2'
#
# COMPACT_ATOMS: atom_id res chain seq x y z
N MET A 1 -12.06 13.84 -10.55
CA MET A 1 -12.15 13.27 -11.92
C MET A 1 -12.27 11.75 -11.87
N LEU A 2 -12.99 11.20 -12.82
CA LEU A 2 -13.21 9.75 -12.87
C LEU A 2 -12.64 9.18 -14.14
N GLY A 3 -12.22 7.92 -14.08
CA GLY A 3 -11.66 7.25 -15.24
C GLY A 3 -12.05 5.77 -15.29
N VAL A 4 -11.43 5.02 -16.19
CA VAL A 4 -11.71 3.60 -16.29
C VAL A 4 -10.58 2.89 -17.03
N CYS A 5 -10.43 1.60 -16.73
CA CYS A 5 -9.43 0.76 -17.36
C CYS A 5 -10.15 0.08 -18.53
N TYR A 6 -9.60 0.25 -19.72
CA TYR A 6 -10.22 -0.28 -20.94
C TYR A 6 -9.31 -1.21 -21.73
N TYR A 7 -9.92 -2.21 -22.36
CA TYR A 7 -9.16 -3.17 -23.14
C TYR A 7 -9.70 -3.30 -24.56
N PRO A 8 -9.33 -2.35 -25.43
CA PRO A 8 -9.77 -2.35 -26.84
C PRO A 8 -9.51 -3.70 -27.48
N GLU A 9 -8.35 -4.27 -27.17
CA GLU A 9 -7.93 -5.56 -27.73
C GLU A 9 -8.79 -6.76 -27.32
N HIS A 10 -9.78 -6.54 -26.46
CA HIS A 10 -10.65 -7.64 -26.04
C HIS A 10 -11.99 -7.60 -26.75
N TRP A 11 -12.27 -6.52 -27.46
CA TRP A 11 -13.54 -6.35 -28.17
C TRP A 11 -13.40 -6.02 -29.63
N PRO A 12 -14.46 -6.32 -30.43
CA PRO A 12 -14.44 -6.03 -31.87
C PRO A 12 -14.23 -4.54 -32.04
N LYS A 13 -13.42 -4.15 -33.02
CA LYS A 13 -13.13 -2.73 -33.26
C LYS A 13 -14.39 -1.89 -33.42
N GLU A 14 -15.49 -2.51 -33.83
CA GLU A 14 -16.76 -1.80 -34.04
C GLU A 14 -17.33 -1.22 -32.75
N ARG A 15 -17.03 -1.87 -31.63
CA ARG A 15 -17.53 -1.44 -30.32
C ARG A 15 -16.75 -0.25 -29.77
N TRP A 16 -15.55 -0.04 -30.27
CA TRP A 16 -14.69 1.03 -29.79
C TRP A 16 -15.31 2.42 -29.76
N LYS A 17 -15.91 2.85 -30.87
CA LYS A 17 -16.52 4.16 -30.95
C LYS A 17 -17.67 4.30 -29.97
N GLU A 18 -18.48 3.26 -29.86
CA GLU A 18 -19.61 3.26 -28.95
C GLU A 18 -19.10 3.36 -27.52
N ASP A 19 -18.05 2.61 -27.22
CA ASP A 19 -17.47 2.60 -25.87
C ASP A 19 -16.96 3.99 -25.49
N ALA A 20 -16.15 4.57 -26.36
CA ALA A 20 -15.59 5.91 -26.13
C ALA A 20 -16.69 6.93 -25.89
N ARG A 21 -17.76 6.83 -26.66
CA ARG A 21 -18.90 7.75 -26.55
C ARG A 21 -19.60 7.61 -25.20
N ARG A 22 -19.85 6.39 -24.77
CA ARG A 22 -20.52 6.13 -23.50
C ARG A 22 -19.64 6.50 -22.30
N MET A 23 -18.31 6.43 -22.48
CA MET A 23 -17.39 6.80 -21.42
C MET A 23 -17.52 8.30 -21.17
N ARG A 24 -17.70 9.05 -22.24
CA ARG A 24 -17.86 10.50 -22.16
C ARG A 24 -19.22 10.86 -21.56
N GLU A 25 -20.28 10.16 -21.97
CA GLU A 25 -21.62 10.42 -21.45
C GLU A 25 -21.68 10.10 -19.96
N ALA A 26 -20.99 9.05 -19.56
CA ALA A 26 -20.97 8.64 -18.16
C ALA A 26 -20.28 9.71 -17.30
N GLY A 27 -19.44 10.53 -17.93
CA GLY A 27 -18.75 11.58 -17.22
C GLY A 27 -17.29 11.27 -16.93
N LEU A 28 -16.75 10.27 -17.61
CA LEU A 28 -15.35 9.89 -17.41
C LEU A 28 -14.42 10.80 -18.21
N SER A 29 -13.20 10.98 -17.73
CA SER A 29 -12.25 11.86 -18.40
C SER A 29 -10.93 11.19 -18.72
N HIS A 30 -10.63 10.08 -18.05
CA HIS A 30 -9.38 9.37 -18.27
C HIS A 30 -9.60 7.89 -18.58
N VAL A 31 -8.72 7.32 -19.40
CA VAL A 31 -8.82 5.92 -19.77
C VAL A 31 -7.43 5.31 -19.86
N ARG A 32 -7.23 4.18 -19.20
CA ARG A 32 -5.95 3.48 -19.20
C ARG A 32 -6.03 2.27 -20.12
N ILE A 33 -5.01 2.07 -20.94
CA ILE A 33 -4.98 0.94 -21.87
C ILE A 33 -3.54 0.50 -22.16
N GLY A 34 -3.42 -0.69 -22.75
CA GLY A 34 -2.12 -1.20 -23.17
C GLY A 34 -1.14 -1.94 -22.27
N GLU A 35 -1.42 -2.10 -20.98
CA GLU A 35 -0.44 -2.79 -20.13
C GLU A 35 -0.27 -4.28 -20.39
N PHE A 36 -1.27 -4.91 -21.01
CA PHE A 36 -1.19 -6.35 -21.31
C PHE A 36 -1.25 -6.60 -22.81
N ALA A 37 -0.84 -5.62 -23.61
CA ALA A 37 -0.92 -5.75 -25.06
C ALA A 37 0.35 -6.04 -25.84
N TRP A 38 1.40 -6.51 -25.18
CA TRP A 38 2.65 -6.78 -25.89
C TRP A 38 2.46 -7.80 -27.03
N ALA A 39 1.82 -8.92 -26.72
CA ALA A 39 1.58 -9.97 -27.72
C ALA A 39 0.74 -9.48 -28.90
N LEU A 40 0.01 -8.38 -28.71
CA LEU A 40 -0.82 -7.82 -29.78
C LEU A 40 -0.04 -6.75 -30.55
N LEU A 41 0.91 -6.09 -29.86
CA LEU A 41 1.73 -5.06 -30.48
C LEU A 41 2.88 -5.69 -31.25
N GLU A 42 3.24 -6.91 -30.87
CA GLU A 42 4.32 -7.64 -31.51
C GLU A 42 4.03 -9.15 -31.51
N PRO A 43 3.08 -9.60 -32.34
CA PRO A 43 2.71 -11.01 -32.43
C PRO A 43 3.85 -11.87 -32.96
N GLU A 44 4.71 -11.26 -33.77
CA GLU A 44 5.87 -11.93 -34.34
C GLU A 44 7.11 -11.14 -33.89
N PRO A 45 8.20 -11.85 -33.54
CA PRO A 45 9.44 -11.20 -33.10
C PRO A 45 9.95 -10.16 -34.10
N GLY A 46 9.83 -8.89 -33.75
CA GLY A 46 10.32 -7.83 -34.63
C GLY A 46 9.26 -7.17 -35.49
N ARG A 47 8.10 -7.80 -35.62
CA ARG A 47 7.02 -7.25 -36.43
C ARG A 47 6.04 -6.45 -35.58
N LEU A 48 6.19 -5.14 -35.58
CA LEU A 48 5.33 -4.26 -34.80
C LEU A 48 4.05 -3.87 -35.54
N GLU A 49 2.91 -4.04 -34.87
CA GLU A 49 1.61 -3.71 -35.42
C GLU A 49 0.90 -2.70 -34.53
N TRP A 50 1.15 -1.42 -34.79
CA TRP A 50 0.58 -0.33 -34.02
C TRP A 50 -0.79 0.09 -34.54
N GLY A 51 -1.22 -0.56 -35.62
CA GLY A 51 -2.51 -0.23 -36.22
C GLY A 51 -3.66 -0.07 -35.24
N TRP A 52 -4.00 -1.15 -34.54
CA TRP A 52 -5.10 -1.10 -33.60
C TRP A 52 -4.88 -0.12 -32.44
N LEU A 53 -3.66 -0.03 -31.92
CA LEU A 53 -3.39 0.89 -30.81
C LEU A 53 -3.51 2.34 -31.24
N ASP A 54 -3.08 2.65 -32.46
CA ASP A 54 -3.18 4.02 -32.97
C ASP A 54 -4.65 4.40 -33.10
N GLU A 55 -5.44 3.47 -33.63
CA GLU A 55 -6.86 3.69 -33.84
C GLU A 55 -7.61 3.83 -32.52
N ALA A 56 -7.31 2.96 -31.56
CA ALA A 56 -7.97 2.99 -30.27
C ALA A 56 -7.70 4.32 -29.57
N ILE A 57 -6.45 4.75 -29.58
CA ILE A 57 -6.08 6.03 -28.96
C ILE A 57 -6.81 7.15 -29.68
N ALA A 58 -6.87 7.05 -31.01
CA ALA A 58 -7.54 8.05 -31.83
C ALA A 58 -9.02 8.11 -31.47
N THR A 59 -9.62 6.94 -31.37
CA THR A 59 -11.04 6.81 -31.03
C THR A 59 -11.36 7.42 -29.67
N LEU A 60 -10.50 7.17 -28.68
CA LEU A 60 -10.72 7.72 -27.36
C LEU A 60 -10.48 9.23 -27.37
N ALA A 61 -9.43 9.66 -28.05
CA ALA A 61 -9.09 11.08 -28.16
C ALA A 61 -10.24 11.89 -28.78
N ALA A 62 -10.90 11.31 -29.77
CA ALA A 62 -12.01 11.96 -30.45
C ALA A 62 -13.15 12.33 -29.52
N GLU A 63 -13.32 11.60 -28.42
CA GLU A 63 -14.38 11.91 -27.47
C GLU A 63 -13.88 12.86 -26.39
N GLY A 64 -12.63 13.32 -26.55
CA GLY A 64 -12.07 14.24 -25.57
C GLY A 64 -11.60 13.56 -24.29
N LEU A 65 -11.23 12.28 -24.39
CA LEU A 65 -10.76 11.51 -23.23
C LEU A 65 -9.23 11.50 -23.17
N LYS A 66 -8.68 11.64 -21.97
CA LYS A 66 -7.23 11.62 -21.81
C LYS A 66 -6.77 10.17 -21.65
N VAL A 67 -5.80 9.77 -22.46
CA VAL A 67 -5.31 8.40 -22.41
C VAL A 67 -4.11 8.20 -21.49
N VAL A 68 -4.18 7.14 -20.68
CA VAL A 68 -3.10 6.79 -19.78
C VAL A 68 -2.56 5.49 -20.34
N LEU A 69 -1.35 5.54 -20.88
CA LEU A 69 -0.72 4.37 -21.47
C LEU A 69 0.15 3.61 -20.49
N GLY A 70 -0.01 2.30 -20.47
CA GLY A 70 0.79 1.48 -19.58
C GLY A 70 1.78 0.70 -20.42
N THR A 71 3.02 0.62 -19.97
CA THR A 71 4.03 -0.14 -20.69
C THR A 71 3.63 -1.60 -20.47
N PRO A 72 3.76 -2.45 -21.50
CA PRO A 72 3.39 -3.86 -21.44
C PRO A 72 4.40 -4.89 -20.92
N THR A 73 5.32 -4.49 -20.05
CA THR A 73 6.31 -5.44 -19.54
C THR A 73 5.80 -6.45 -18.50
N ALA A 74 4.58 -6.30 -18.03
CA ALA A 74 4.05 -7.24 -17.04
C ALA A 74 3.79 -8.61 -17.64
N THR A 75 3.39 -8.64 -18.91
CA THR A 75 3.08 -9.89 -19.59
C THR A 75 3.79 -10.03 -20.94
N PRO A 76 5.03 -10.55 -20.94
CA PRO A 76 5.79 -10.71 -22.18
C PRO A 76 5.22 -11.86 -23.03
N PRO A 77 5.25 -11.70 -24.37
CA PRO A 77 4.75 -12.71 -25.33
C PRO A 77 5.36 -14.09 -25.15
N LYS A 78 4.58 -15.13 -25.45
CA LYS A 78 5.08 -16.49 -25.31
C LYS A 78 6.33 -16.75 -26.14
N TRP A 79 6.45 -16.11 -27.31
CA TRP A 79 7.63 -16.32 -28.16
C TRP A 79 8.88 -15.74 -27.52
N LEU A 80 8.74 -14.62 -26.82
CA LEU A 80 9.87 -13.99 -26.16
C LEU A 80 10.34 -14.88 -25.00
N VAL A 81 9.37 -15.47 -24.30
CA VAL A 81 9.65 -16.35 -23.17
C VAL A 81 10.36 -17.60 -23.67
N ASP A 82 9.89 -18.13 -24.80
CA ASP A 82 10.49 -19.32 -25.39
C ASP A 82 11.91 -19.04 -25.86
N ARG A 83 12.12 -17.83 -26.40
CA ARG A 83 13.45 -17.45 -26.87
C ARG A 83 14.44 -17.40 -25.71
N TYR A 84 14.09 -16.63 -24.68
CA TYR A 84 14.95 -16.48 -23.51
C TYR A 84 14.34 -17.13 -22.26
N PRO A 85 14.60 -18.43 -22.04
CA PRO A 85 14.07 -19.16 -20.89
C PRO A 85 14.48 -18.59 -19.53
N GLU A 86 15.61 -17.90 -19.48
CA GLU A 86 16.10 -17.32 -18.22
C GLU A 86 15.14 -16.29 -17.63
N ILE A 87 14.28 -15.72 -18.47
CA ILE A 87 13.32 -14.72 -18.05
C ILE A 87 12.32 -15.26 -17.01
N LEU A 88 11.93 -16.53 -17.17
CA LEU A 88 10.99 -17.16 -16.26
C LEU A 88 11.52 -17.19 -14.83
N PRO A 89 10.69 -16.78 -13.86
CA PRO A 89 11.10 -16.76 -12.46
C PRO A 89 11.10 -18.14 -11.81
N VAL A 90 11.81 -18.24 -10.70
CA VAL A 90 11.91 -19.49 -9.92
C VAL A 90 11.36 -19.21 -8.53
N ASP A 91 10.39 -20.00 -8.08
CA ASP A 91 9.80 -19.82 -6.76
C ASP A 91 10.78 -20.19 -5.64
N ARG A 92 10.37 -19.91 -4.40
CA ARG A 92 11.20 -20.21 -3.24
C ARG A 92 11.52 -21.70 -3.13
N GLU A 93 10.63 -22.52 -3.67
CA GLU A 93 10.79 -23.97 -3.64
C GLU A 93 11.87 -24.42 -4.63
N GLY A 94 12.25 -23.54 -5.54
CA GLY A 94 13.27 -23.86 -6.51
C GLY A 94 12.73 -24.27 -7.88
N ARG A 95 11.40 -24.19 -8.03
CA ARG A 95 10.76 -24.57 -9.29
C ARG A 95 10.67 -23.40 -10.27
N ARG A 96 10.89 -23.70 -11.55
CA ARG A 96 10.81 -22.69 -12.60
C ARG A 96 9.33 -22.55 -12.97
N ARG A 97 8.83 -21.32 -12.97
CA ARG A 97 7.43 -21.09 -13.31
C ARG A 97 7.24 -21.10 -14.83
N ARG A 98 5.99 -21.07 -15.27
CA ARG A 98 5.71 -21.10 -16.71
C ARG A 98 4.78 -20.00 -17.21
N PHE A 99 4.70 -19.92 -18.53
CA PHE A 99 3.83 -18.98 -19.22
C PHE A 99 2.42 -19.50 -19.00
N GLY A 100 1.41 -18.64 -19.17
CA GLY A 100 0.04 -19.09 -18.96
C GLY A 100 -0.81 -18.10 -18.17
N GLY A 101 -0.16 -17.34 -17.30
CA GLY A 101 -0.86 -16.35 -16.51
C GLY A 101 -0.29 -14.98 -16.82
N ARG A 102 0.40 -14.40 -15.84
CA ARG A 102 1.03 -13.09 -16.01
C ARG A 102 2.20 -12.94 -15.03
N ARG A 103 2.93 -11.84 -15.17
CA ARG A 103 4.08 -11.55 -14.30
C ARG A 103 5.10 -12.68 -14.26
N HIS A 104 5.19 -13.43 -15.35
CA HIS A 104 6.14 -14.54 -15.43
C HIS A 104 7.52 -14.08 -15.92
N TYR A 105 8.16 -13.20 -15.15
CA TYR A 105 9.48 -12.71 -15.49
C TYR A 105 10.28 -12.34 -14.24
N CYS A 106 11.60 -12.34 -14.35
CA CYS A 106 12.46 -12.01 -13.23
C CYS A 106 13.05 -10.61 -13.35
N PHE A 107 13.09 -9.90 -12.23
CA PHE A 107 13.62 -8.54 -12.19
C PHE A 107 15.13 -8.48 -12.33
N SER A 108 15.79 -9.63 -12.16
CA SER A 108 17.24 -9.71 -12.27
C SER A 108 17.71 -10.00 -13.69
N SER A 109 16.91 -10.76 -14.43
CA SER A 109 17.24 -11.12 -15.81
C SER A 109 17.74 -9.92 -16.62
N PRO A 110 19.03 -9.91 -16.97
CA PRO A 110 19.61 -8.81 -17.75
C PRO A 110 19.02 -8.77 -19.16
N VAL A 111 18.63 -9.92 -19.68
CA VAL A 111 18.04 -9.99 -21.01
C VAL A 111 16.67 -9.31 -21.01
N TYR A 112 15.86 -9.58 -19.99
CA TYR A 112 14.54 -8.96 -19.92
C TYR A 112 14.65 -7.46 -19.75
N ARG A 113 15.75 -7.02 -19.14
CA ARG A 113 16.00 -5.60 -18.94
C ARG A 113 16.11 -4.93 -20.30
N GLU A 114 16.80 -5.57 -21.23
CA GLU A 114 16.96 -5.01 -22.57
C GLU A 114 15.68 -5.13 -23.38
N GLU A 115 14.96 -6.23 -23.22
CA GLU A 115 13.70 -6.41 -23.94
C GLU A 115 12.71 -5.34 -23.50
N ALA A 116 12.71 -5.06 -22.20
CA ALA A 116 11.81 -4.05 -21.65
C ALA A 116 12.23 -2.69 -22.23
N ARG A 117 13.52 -2.41 -22.17
CA ARG A 117 14.07 -1.16 -22.69
C ARG A 117 13.60 -0.91 -24.11
N ARG A 118 13.70 -1.95 -24.94
CA ARG A 118 13.31 -1.84 -26.35
C ARG A 118 11.85 -1.48 -26.55
N ILE A 119 10.94 -2.33 -26.07
CA ILE A 119 9.51 -2.09 -26.25
C ILE A 119 9.05 -0.77 -25.65
N VAL A 120 9.59 -0.40 -24.50
CA VAL A 120 9.21 0.86 -23.86
C VAL A 120 9.69 2.06 -24.66
N THR A 121 10.89 1.97 -25.24
CA THR A 121 11.43 3.07 -26.03
C THR A 121 10.57 3.25 -27.26
N LEU A 122 10.26 2.14 -27.93
CA LEU A 122 9.40 2.20 -29.11
C LEU A 122 8.10 2.88 -28.75
N LEU A 123 7.42 2.33 -27.74
CA LEU A 123 6.14 2.86 -27.29
C LEU A 123 6.23 4.34 -26.94
N ALA A 124 7.28 4.72 -26.24
CA ALA A 124 7.47 6.10 -25.82
C ALA A 124 7.71 7.06 -26.98
N GLU A 125 8.53 6.62 -27.94
CA GLU A 125 8.82 7.47 -29.09
C GLU A 125 7.59 7.69 -29.97
N ARG A 126 6.81 6.63 -30.16
CA ARG A 126 5.63 6.70 -31.00
C ARG A 126 4.47 7.54 -30.45
N TYR A 127 4.18 7.41 -29.16
CA TYR A 127 3.07 8.13 -28.56
C TYR A 127 3.47 9.21 -27.56
N GLY A 128 4.76 9.27 -27.24
CA GLY A 128 5.25 10.25 -26.29
C GLY A 128 4.85 11.70 -26.50
N GLY A 129 4.71 12.11 -27.76
CA GLY A 129 4.34 13.49 -28.03
C GLY A 129 2.87 13.77 -28.27
N LEU A 130 2.03 12.74 -28.25
CA LEU A 130 0.60 12.94 -28.50
C LEU A 130 -0.10 13.76 -27.43
N GLU A 131 -0.99 14.64 -27.86
CA GLU A 131 -1.74 15.49 -26.96
C GLU A 131 -2.82 14.69 -26.22
N ALA A 132 -3.26 13.60 -26.84
CA ALA A 132 -4.29 12.74 -26.25
C ALA A 132 -3.76 11.98 -25.03
N VAL A 133 -2.46 11.71 -25.03
CA VAL A 133 -1.80 10.99 -23.95
C VAL A 133 -1.45 11.94 -22.79
N ALA A 134 -1.96 11.65 -21.60
CA ALA A 134 -1.69 12.46 -20.43
C ALA A 134 -0.49 11.93 -19.64
N GLY A 135 -0.25 10.62 -19.74
CA GLY A 135 0.86 10.03 -19.01
C GLY A 135 0.96 8.52 -19.14
N PHE A 136 1.82 7.91 -18.34
CA PHE A 136 2.03 6.48 -18.38
C PHE A 136 1.99 5.76 -17.04
N GLN A 137 1.71 4.46 -17.10
CA GLN A 137 1.74 3.62 -15.91
C GLN A 137 2.81 2.61 -16.28
N THR A 138 3.83 2.48 -15.45
CA THR A 138 4.89 1.53 -15.75
C THR A 138 4.49 0.11 -15.36
N ASP A 139 4.62 -0.83 -16.29
CA ASP A 139 4.30 -2.22 -16.02
C ASP A 139 2.88 -2.34 -15.45
N ASN A 140 2.69 -3.20 -14.46
CA ASN A 140 1.39 -3.38 -13.82
C ASN A 140 1.55 -4.16 -12.51
N GLU A 141 1.37 -3.45 -11.40
CA GLU A 141 1.48 -4.03 -10.06
C GLU A 141 2.73 -4.88 -9.85
N TYR A 142 3.88 -4.23 -9.71
CA TYR A 142 5.12 -4.95 -9.47
C TYR A 142 4.91 -5.84 -8.22
N GLY A 143 5.33 -7.09 -8.29
CA GLY A 143 5.21 -7.98 -7.16
C GLY A 143 3.95 -8.83 -7.01
N CYS A 144 2.91 -8.54 -7.78
CA CYS A 144 1.69 -9.32 -7.66
C CYS A 144 2.03 -10.80 -7.86
N HIS A 145 1.36 -11.66 -7.08
CA HIS A 145 1.58 -13.11 -7.13
C HIS A 145 2.97 -13.46 -6.58
N ASP A 146 3.40 -12.71 -5.56
CA ASP A 146 4.70 -12.94 -4.93
C ASP A 146 5.82 -13.03 -5.96
N THR A 147 5.99 -11.95 -6.74
CA THR A 147 7.02 -11.92 -7.77
C THR A 147 8.15 -10.90 -7.54
N VAL A 148 8.17 -10.23 -6.40
CA VAL A 148 9.24 -9.28 -6.12
C VAL A 148 10.53 -10.05 -5.86
N ARG A 149 10.42 -11.11 -5.07
CA ARG A 149 11.58 -11.93 -4.73
C ARG A 149 11.71 -13.16 -5.62
N CYS A 150 12.84 -13.25 -6.32
CA CYS A 150 13.10 -14.37 -7.20
C CYS A 150 14.28 -15.21 -6.70
N TYR A 151 14.28 -16.49 -7.05
CA TYR A 151 15.33 -17.40 -6.59
C TYR A 151 16.03 -18.17 -7.70
N CYS A 152 16.31 -17.51 -8.82
CA CYS A 152 16.98 -18.15 -9.95
C CYS A 152 18.47 -17.82 -9.94
N PRO A 153 19.24 -18.35 -10.92
CA PRO A 153 20.68 -18.07 -10.98
C PRO A 153 21.01 -16.57 -11.09
N ARG A 154 20.26 -15.86 -11.93
CA ARG A 154 20.47 -14.44 -12.14
C ARG A 154 20.41 -13.63 -10.84
N CYS A 155 19.48 -14.01 -9.95
CA CYS A 155 19.32 -13.31 -8.68
C CYS A 155 20.51 -13.53 -7.75
N GLN A 156 21.03 -14.75 -7.74
CA GLN A 156 22.16 -15.09 -6.88
C GLN A 156 23.41 -14.28 -7.21
N GLU A 157 23.70 -14.14 -8.50
CA GLU A 157 24.87 -13.38 -8.92
C GLU A 157 24.64 -11.87 -8.76
N ALA A 158 23.40 -11.45 -8.98
CA ALA A 158 23.05 -10.04 -8.84
C ALA A 158 23.09 -9.64 -7.36
N PHE A 159 22.73 -10.59 -6.49
CA PHE A 159 22.72 -10.35 -5.05
C PHE A 159 24.15 -10.12 -4.55
N ARG A 160 25.11 -10.85 -5.11
CA ARG A 160 26.50 -10.71 -4.70
C ARG A 160 27.02 -9.32 -5.06
N GLY A 161 26.71 -8.87 -6.27
CA GLY A 161 27.15 -7.54 -6.69
C GLY A 161 26.59 -6.48 -5.75
N TRP A 162 25.32 -6.65 -5.38
CA TRP A 162 24.64 -5.72 -4.49
C TRP A 162 25.38 -5.68 -3.14
N LEU A 163 25.65 -6.86 -2.59
CA LEU A 163 26.34 -6.99 -1.31
C LEU A 163 27.72 -6.33 -1.29
N GLU A 164 28.47 -6.48 -2.37
CA GLU A 164 29.80 -5.89 -2.43
C GLU A 164 29.74 -4.37 -2.45
N ALA A 165 28.73 -3.83 -3.11
CA ALA A 165 28.55 -2.39 -3.20
C ALA A 165 28.20 -1.84 -1.82
N ARG A 166 27.35 -2.58 -1.11
CA ARG A 166 26.90 -2.16 0.22
C ARG A 166 27.96 -2.32 1.31
N TYR A 167 28.75 -3.38 1.26
CA TYR A 167 29.75 -3.62 2.30
C TYR A 167 31.20 -3.32 1.96
N GLY A 168 31.54 -3.35 0.66
CA GLY A 168 32.90 -3.07 0.26
C GLY A 168 33.81 -4.28 0.41
N THR A 169 33.98 -4.78 1.62
CA THR A 169 34.82 -5.94 1.87
C THR A 169 34.03 -7.08 2.51
N ILE A 170 34.39 -8.31 2.18
CA ILE A 170 33.68 -9.45 2.73
C ILE A 170 33.82 -9.44 4.25
N GLU A 171 34.85 -8.77 4.75
CA GLU A 171 35.08 -8.66 6.19
C GLU A 171 33.95 -7.88 6.85
N ALA A 172 33.56 -6.77 6.23
CA ALA A 172 32.49 -5.94 6.75
C ALA A 172 31.16 -6.70 6.76
N LEU A 173 30.98 -7.58 5.77
CA LEU A 173 29.77 -8.37 5.69
C LEU A 173 29.75 -9.45 6.78
N ASN A 174 30.90 -10.10 7.00
CA ASN A 174 30.98 -11.13 8.04
C ASN A 174 30.67 -10.55 9.41
N GLU A 175 31.20 -9.37 9.69
CA GLU A 175 30.98 -8.71 10.96
C GLU A 175 29.52 -8.29 11.12
N ALA A 176 28.96 -7.71 10.05
CA ALA A 176 27.58 -7.25 10.05
C ALA A 176 26.60 -8.40 10.28
N TRP A 177 26.81 -9.51 9.59
CA TRP A 177 25.94 -10.68 9.72
C TRP A 177 26.28 -11.55 10.94
N GLY A 178 27.45 -11.32 11.53
CA GLY A 178 27.86 -12.12 12.67
C GLY A 178 28.05 -13.55 12.23
N THR A 179 28.74 -13.74 11.11
CA THR A 179 28.96 -15.06 10.55
C THR A 179 29.82 -16.03 11.35
N ALA A 180 30.32 -15.59 12.50
CA ALA A 180 31.09 -16.49 13.35
C ALA A 180 30.10 -17.55 13.85
N PHE A 181 28.84 -17.14 13.98
CA PHE A 181 27.75 -18.00 14.44
C PHE A 181 27.46 -19.15 13.48
N TRP A 182 27.43 -20.37 14.02
CA TRP A 182 27.20 -21.58 13.22
C TRP A 182 28.16 -21.71 12.04
N SER A 183 29.39 -21.24 12.24
CA SER A 183 30.44 -21.31 11.21
C SER A 183 29.93 -20.91 9.82
N GLN A 184 29.30 -19.73 9.75
CA GLN A 184 28.77 -19.22 8.49
C GLN A 184 29.80 -18.37 7.74
N ARG A 185 30.94 -18.11 8.38
CA ARG A 185 31.99 -17.28 7.81
C ARG A 185 32.22 -17.44 6.30
N TYR A 186 32.31 -16.31 5.60
CA TYR A 186 32.53 -16.29 4.16
C TYR A 186 33.92 -15.78 3.81
N ARG A 187 34.56 -16.41 2.82
CA ARG A 187 35.89 -16.00 2.39
C ARG A 187 35.81 -14.91 1.32
N SER A 188 34.69 -14.86 0.62
CA SER A 188 34.48 -13.88 -0.44
C SER A 188 33.00 -13.80 -0.81
N PHE A 189 32.61 -12.71 -1.47
CA PHE A 189 31.22 -12.53 -1.87
C PHE A 189 30.78 -13.69 -2.76
N ALA A 190 31.74 -14.29 -3.47
CA ALA A 190 31.45 -15.39 -4.36
C ALA A 190 30.88 -16.59 -3.60
N GLU A 191 31.20 -16.69 -2.31
CA GLU A 191 30.72 -17.81 -1.50
C GLU A 191 29.29 -17.59 -0.96
N VAL A 192 28.80 -16.36 -1.00
CA VAL A 192 27.47 -16.07 -0.49
C VAL A 192 26.39 -16.47 -1.50
N GLU A 193 25.38 -17.19 -1.01
CA GLU A 193 24.28 -17.63 -1.86
C GLU A 193 22.98 -16.99 -1.37
N LEU A 194 21.88 -17.29 -2.07
CA LEU A 194 20.58 -16.75 -1.68
C LEU A 194 20.15 -17.40 -0.37
N PRO A 195 19.49 -16.63 0.52
CA PRO A 195 19.02 -17.13 1.81
C PRO A 195 17.74 -17.96 1.76
N HIS A 196 17.78 -19.08 1.04
CA HIS A 196 16.63 -19.97 0.96
C HIS A 196 17.04 -21.43 0.91
N LEU A 197 16.13 -22.31 1.31
CA LEU A 197 16.37 -23.75 1.33
C LEU A 197 17.57 -24.15 2.20
N THR A 198 17.84 -23.35 3.23
CA THR A 198 18.94 -23.64 4.15
C THR A 198 18.44 -24.62 5.21
N VAL A 199 19.34 -25.43 5.76
CA VAL A 199 18.97 -26.37 6.82
C VAL A 199 18.92 -25.48 8.05
N ALA A 200 17.78 -25.49 8.73
CA ALA A 200 17.56 -24.62 9.90
C ALA A 200 17.25 -23.24 9.31
N GLU A 201 17.05 -22.25 10.17
CA GLU A 201 16.71 -20.92 9.69
C GLU A 201 17.90 -20.17 9.09
N PRO A 202 17.65 -19.34 8.07
CA PRO A 202 18.71 -18.57 7.43
C PRO A 202 19.08 -17.40 8.34
N ASN A 203 20.23 -16.78 8.11
CA ASN A 203 20.66 -15.66 8.93
C ASN A 203 19.75 -14.47 8.68
N PRO A 204 19.20 -13.85 9.75
CA PRO A 204 18.30 -12.71 9.60
C PRO A 204 18.89 -11.51 8.84
N SER A 205 20.17 -11.22 9.07
CA SER A 205 20.82 -10.10 8.39
C SER A 205 20.93 -10.44 6.91
N HIS A 206 21.22 -11.70 6.65
CA HIS A 206 21.38 -12.23 5.30
C HIS A 206 20.04 -12.13 4.57
N LEU A 207 18.98 -12.60 5.23
CA LEU A 207 17.66 -12.58 4.65
C LEU A 207 17.12 -11.16 4.46
N LEU A 208 17.43 -10.26 5.39
CA LEU A 208 16.97 -8.88 5.28
C LEU A 208 17.63 -8.18 4.10
N ASP A 209 18.93 -8.37 3.93
CA ASP A 209 19.65 -7.76 2.82
C ASP A 209 19.10 -8.28 1.51
N TYR A 210 18.66 -9.54 1.51
CA TYR A 210 18.09 -10.13 0.31
C TYR A 210 16.77 -9.43 0.00
N TYR A 211 16.00 -9.12 1.04
CA TYR A 211 14.72 -8.44 0.85
C TYR A 211 14.97 -7.01 0.36
N ARG A 212 15.99 -6.37 0.93
CA ARG A 212 16.36 -5.01 0.52
C ARG A 212 16.75 -5.05 -0.96
N PHE A 213 17.59 -6.02 -1.30
CA PHE A 213 18.06 -6.22 -2.66
C PHE A 213 16.92 -6.47 -3.63
N ALA A 214 16.01 -7.37 -3.27
CA ALA A 214 14.87 -7.71 -4.13
C ALA A 214 14.05 -6.47 -4.45
N SER A 215 13.80 -5.64 -3.44
CA SER A 215 13.03 -4.42 -3.66
C SER A 215 13.82 -3.46 -4.54
N ASP A 216 15.13 -3.35 -4.30
CA ASP A 216 15.95 -2.46 -5.10
C ASP A 216 15.95 -2.88 -6.57
N GLN A 217 15.94 -4.19 -6.81
CA GLN A 217 15.92 -4.71 -8.17
C GLN A 217 14.67 -4.21 -8.90
N VAL A 218 13.54 -4.18 -8.20
CA VAL A 218 12.30 -3.70 -8.81
C VAL A 218 12.43 -2.21 -9.13
N ARG A 219 12.95 -1.43 -8.18
CA ARG A 219 13.10 0.00 -8.43
C ARG A 219 14.02 0.27 -9.63
N ALA A 220 15.09 -0.50 -9.75
CA ALA A 220 16.03 -0.35 -10.85
C ALA A 220 15.32 -0.65 -12.18
N PHE A 221 14.56 -1.74 -12.22
CA PHE A 221 13.81 -2.14 -13.40
C PHE A 221 12.87 -0.99 -13.79
N ASN A 222 12.21 -0.41 -12.79
CA ASN A 222 11.27 0.68 -13.00
C ASN A 222 11.97 1.98 -13.40
N ARG A 223 13.10 2.26 -12.76
CA ARG A 223 13.87 3.48 -13.03
C ARG A 223 14.22 3.55 -14.52
N LEU A 224 14.61 2.40 -15.08
CA LEU A 224 14.97 2.31 -16.49
C LEU A 224 13.82 2.86 -17.34
N GLN A 225 12.62 2.36 -17.09
CA GLN A 225 11.44 2.81 -17.84
C GLN A 225 11.14 4.29 -17.62
N VAL A 226 11.34 4.78 -16.40
CA VAL A 226 11.08 6.18 -16.11
C VAL A 226 12.04 7.09 -16.88
N GLU A 227 13.30 6.67 -16.98
CA GLU A 227 14.31 7.43 -17.70
C GLU A 227 13.91 7.57 -19.17
N ILE A 228 13.41 6.49 -19.75
CA ILE A 228 12.99 6.46 -21.14
C ILE A 228 11.78 7.36 -21.38
N LEU A 229 10.83 7.34 -20.45
CA LEU A 229 9.63 8.17 -20.57
C LEU A 229 9.93 9.65 -20.36
N ARG A 230 10.98 9.95 -19.59
CA ARG A 230 11.35 11.34 -19.33
C ARG A 230 12.10 11.88 -20.53
N ALA A 231 12.83 11.01 -21.23
CA ALA A 231 13.60 11.40 -22.39
C ALA A 231 12.78 11.48 -23.68
N HIS A 232 11.92 10.50 -23.91
CA HIS A 232 11.13 10.49 -25.14
C HIS A 232 9.67 10.90 -24.99
N ALA A 233 9.26 11.22 -23.77
CA ALA A 233 7.88 11.63 -23.53
C ALA A 233 7.81 12.74 -22.47
N PRO A 234 8.55 13.84 -22.70
CA PRO A 234 8.59 14.97 -21.77
C PRO A 234 7.22 15.60 -21.55
N GLY A 235 6.95 16.02 -20.32
CA GLY A 235 5.67 16.64 -20.00
C GLY A 235 4.57 15.66 -19.66
N LYS A 236 4.80 14.37 -19.94
CA LYS A 236 3.81 13.34 -19.64
C LYS A 236 4.13 12.72 -18.28
N PHE A 237 3.15 12.67 -17.38
CA PHE A 237 3.40 12.11 -16.06
C PHE A 237 3.73 10.63 -16.13
N VAL A 238 4.33 10.12 -15.06
CA VAL A 238 4.68 8.70 -14.96
C VAL A 238 4.28 8.21 -13.56
N THR A 239 3.55 7.11 -13.51
CA THR A 239 3.12 6.56 -12.23
C THR A 239 3.17 5.05 -12.24
N HIS A 240 2.75 4.44 -11.14
CA HIS A 240 2.71 2.98 -11.03
C HIS A 240 1.57 2.61 -10.10
N ASN A 241 0.92 1.48 -10.36
CA ASN A 241 -0.20 1.05 -9.54
C ASN A 241 0.18 0.04 -8.45
N PHE A 242 0.37 0.56 -7.24
CA PHE A 242 0.73 -0.24 -6.07
C PHE A 242 -0.47 -1.08 -5.61
N MET A 243 -0.22 -2.05 -4.72
CA MET A 243 -1.29 -2.93 -4.22
C MET A 243 -1.65 -2.72 -2.76
N GLY A 244 -2.77 -3.30 -2.35
CA GLY A 244 -3.19 -3.20 -0.96
C GLY A 244 -2.43 -4.24 -0.16
N PHE A 245 -2.17 -3.94 1.12
CA PHE A 245 -1.47 -4.84 2.02
C PHE A 245 -0.30 -5.60 1.40
N PHE A 246 0.59 -4.86 0.73
CA PHE A 246 1.76 -5.47 0.10
C PHE A 246 2.98 -4.69 0.55
N THR A 247 3.95 -5.39 1.14
CA THR A 247 5.16 -4.74 1.65
C THR A 247 6.48 -5.23 1.05
N ASP A 248 6.44 -6.27 0.21
CA ASP A 248 7.67 -6.80 -0.40
C ASP A 248 8.43 -5.71 -1.15
N LEU A 249 7.67 -4.77 -1.71
CA LEU A 249 8.24 -3.66 -2.46
C LEU A 249 8.17 -2.38 -1.64
N ASP A 250 9.30 -1.67 -1.56
CA ASP A 250 9.33 -0.42 -0.84
C ASP A 250 8.70 0.66 -1.72
N ALA A 251 7.41 0.90 -1.53
CA ALA A 251 6.68 1.89 -2.32
C ALA A 251 7.20 3.32 -2.13
N PHE A 252 7.67 3.63 -0.92
CA PHE A 252 8.18 4.97 -0.67
C PHE A 252 9.41 5.24 -1.55
N ALA A 253 10.33 4.30 -1.58
CA ALA A 253 11.55 4.41 -2.37
C ALA A 253 11.27 4.49 -3.87
N LEU A 254 10.54 3.51 -4.38
CA LEU A 254 10.23 3.49 -5.81
C LEU A 254 9.46 4.73 -6.27
N ALA A 255 8.54 5.22 -5.45
CA ALA A 255 7.73 6.40 -5.80
C ALA A 255 8.55 7.68 -5.96
N GLN A 256 9.80 7.65 -5.52
CA GLN A 256 10.65 8.82 -5.65
C GLN A 256 10.93 9.12 -7.12
N ASP A 257 10.83 8.08 -7.94
CA ASP A 257 11.07 8.22 -9.38
C ASP A 257 9.76 8.45 -10.14
N LEU A 258 8.68 8.68 -9.41
CA LEU A 258 7.38 8.91 -10.02
C LEU A 258 6.85 10.30 -9.75
N ASP A 259 5.88 10.74 -10.56
CA ASP A 259 5.25 12.04 -10.40
C ASP A 259 4.22 11.98 -9.27
N PHE A 260 3.65 10.80 -9.07
CA PHE A 260 2.67 10.56 -8.02
C PHE A 260 2.39 9.07 -7.92
N ALA A 261 1.80 8.65 -6.81
CA ALA A 261 1.51 7.24 -6.61
C ALA A 261 0.08 6.92 -7.01
N SER A 262 -0.14 5.66 -7.39
CA SER A 262 -1.45 5.18 -7.78
C SER A 262 -1.61 3.83 -7.08
N TRP A 263 -2.84 3.41 -6.82
CA TRP A 263 -3.00 2.10 -6.20
C TRP A 263 -4.32 1.47 -6.63
N ASP A 264 -4.44 0.16 -6.42
CA ASP A 264 -5.63 -0.57 -6.84
C ASP A 264 -6.46 -1.07 -5.66
N SER A 265 -7.63 -0.46 -5.50
CA SER A 265 -8.54 -0.78 -4.40
C SER A 265 -9.62 -1.82 -4.69
N TYR A 266 -9.57 -2.92 -3.95
CA TYR A 266 -10.54 -4.01 -4.05
C TYR A 266 -10.90 -4.38 -2.60
N PRO A 267 -11.67 -3.51 -1.93
CA PRO A 267 -12.10 -3.69 -0.54
C PRO A 267 -12.64 -5.07 -0.18
N LEU A 268 -13.56 -5.59 -1.00
CA LEU A 268 -14.14 -6.89 -0.72
C LEU A 268 -13.12 -8.00 -0.71
N GLY A 269 -12.21 -7.98 -1.66
CA GLY A 269 -11.19 -9.00 -1.75
C GLY A 269 -10.21 -8.95 -0.58
N PHE A 270 -9.77 -7.75 -0.21
CA PHE A 270 -8.82 -7.60 0.90
C PHE A 270 -9.50 -8.04 2.19
N THR A 271 -10.75 -7.61 2.39
CA THR A 271 -11.48 -7.94 3.60
C THR A 271 -11.73 -9.44 3.79
N ASP A 272 -12.13 -10.12 2.72
CA ASP A 272 -12.37 -11.55 2.81
C ASP A 272 -11.10 -12.26 3.27
N LEU A 273 -9.96 -11.71 2.88
CA LEU A 273 -8.66 -12.28 3.22
C LEU A 273 -8.14 -11.86 4.60
N MET A 274 -8.73 -10.81 5.19
CA MET A 274 -8.30 -10.34 6.51
C MET A 274 -8.87 -11.23 7.61
N PRO A 275 -8.07 -11.51 8.63
CA PRO A 275 -8.51 -12.34 9.75
C PRO A 275 -9.28 -11.51 10.78
N LEU A 276 -10.50 -11.13 10.44
CA LEU A 276 -11.35 -10.31 11.32
C LEU A 276 -12.23 -11.18 12.21
N PRO A 277 -12.71 -10.62 13.34
CA PRO A 277 -13.56 -11.44 14.21
C PRO A 277 -14.79 -11.90 13.41
N PRO A 278 -15.34 -13.09 13.73
CA PRO A 278 -16.50 -13.67 13.05
C PRO A 278 -17.61 -12.70 12.66
N GLU A 279 -18.05 -11.89 13.62
CA GLU A 279 -19.12 -10.93 13.38
C GLU A 279 -18.78 -9.90 12.30
N GLU A 280 -17.54 -9.39 12.29
CA GLU A 280 -17.15 -8.40 11.30
C GLU A 280 -17.01 -8.96 9.88
N LYS A 281 -16.54 -10.20 9.77
CA LYS A 281 -16.35 -10.82 8.46
C LYS A 281 -17.69 -10.93 7.72
N LEU A 282 -18.76 -11.11 8.48
CA LEU A 282 -20.08 -11.23 7.88
C LEU A 282 -20.69 -9.85 7.64
N ARG A 283 -20.51 -8.97 8.62
CA ARG A 283 -21.05 -7.61 8.53
C ARG A 283 -20.46 -6.78 7.39
N TYR A 284 -19.18 -6.97 7.13
CA TYR A 284 -18.49 -6.21 6.08
C TYR A 284 -18.15 -7.00 4.83
N ALA A 285 -18.82 -8.13 4.62
CA ALA A 285 -18.57 -8.96 3.45
C ALA A 285 -18.84 -8.23 2.15
N ARG A 286 -19.89 -7.41 2.14
CA ARG A 286 -20.27 -6.67 0.94
C ARG A 286 -19.89 -5.19 0.96
N THR A 287 -19.11 -4.77 1.96
CA THR A 287 -18.73 -3.38 2.06
C THR A 287 -17.23 -3.21 2.20
N GLY A 288 -16.59 -4.21 2.80
CA GLY A 288 -15.16 -4.14 3.05
C GLY A 288 -15.05 -3.56 4.46
N HIS A 289 -13.98 -3.89 5.18
CA HIS A 289 -13.83 -3.31 6.51
C HIS A 289 -13.73 -1.79 6.31
N PRO A 290 -14.37 -1.00 7.20
CA PRO A 290 -14.37 0.46 7.11
C PRO A 290 -13.04 1.18 6.87
N ASP A 291 -11.94 0.58 7.28
CA ASP A 291 -10.63 1.21 7.13
C ASP A 291 -9.73 0.58 6.07
N VAL A 292 -10.21 -0.46 5.39
CA VAL A 292 -9.39 -1.13 4.40
C VAL A 292 -8.95 -0.27 3.20
N ALA A 293 -9.87 0.54 2.67
CA ALA A 293 -9.52 1.41 1.55
C ALA A 293 -8.85 2.67 2.08
N ALA A 294 -9.45 3.25 3.12
CA ALA A 294 -8.93 4.48 3.72
C ALA A 294 -7.47 4.39 4.16
N PHE A 295 -7.08 3.28 4.79
CA PHE A 295 -5.70 3.15 5.21
C PHE A 295 -4.77 3.29 4.01
N HIS A 296 -5.13 2.66 2.91
CA HIS A 296 -4.30 2.72 1.72
C HIS A 296 -4.33 4.06 0.99
N HIS A 297 -5.45 4.80 1.09
CA HIS A 297 -5.51 6.12 0.46
C HIS A 297 -4.52 7.01 1.21
N ASP A 298 -4.53 6.91 2.53
CA ASP A 298 -3.63 7.71 3.35
C ASP A 298 -2.19 7.31 3.12
N LEU A 299 -1.93 6.02 3.09
CA LEU A 299 -0.58 5.51 2.86
C LEU A 299 -0.06 6.02 1.51
N TYR A 300 -0.84 5.79 0.45
CA TYR A 300 -0.40 6.18 -0.87
C TYR A 300 -0.37 7.68 -1.13
N ARG A 301 -1.17 8.45 -0.40
CA ARG A 301 -1.11 9.90 -0.56
C ARG A 301 0.27 10.28 -0.03
N GLY A 302 0.72 9.57 1.01
CA GLY A 302 2.03 9.83 1.60
C GLY A 302 3.14 9.35 0.69
N VAL A 303 2.96 8.15 0.14
CA VAL A 303 3.95 7.58 -0.77
C VAL A 303 4.13 8.49 -1.99
N GLY A 304 3.03 9.10 -2.42
CA GLY A 304 3.07 10.00 -3.57
C GLY A 304 3.41 11.44 -3.21
N ARG A 305 3.99 11.65 -2.04
CA ARG A 305 4.37 12.98 -1.59
C ARG A 305 3.18 13.95 -1.64
N GLY A 306 1.98 13.42 -1.37
CA GLY A 306 0.80 14.26 -1.37
C GLY A 306 -0.12 14.08 -2.57
N ARG A 307 0.34 13.39 -3.60
CA ARG A 307 -0.48 13.17 -4.80
C ARG A 307 -0.66 11.68 -5.12
N PHE A 308 -1.90 11.27 -5.35
CA PHE A 308 -2.14 9.87 -5.70
C PHE A 308 -3.44 9.72 -6.46
N TRP A 309 -3.55 8.59 -7.14
CA TRP A 309 -4.73 8.22 -7.92
C TRP A 309 -5.13 6.83 -7.47
N VAL A 310 -6.39 6.49 -7.71
CA VAL A 310 -6.86 5.14 -7.46
C VAL A 310 -6.98 4.71 -8.92
N MET A 311 -5.94 4.06 -9.43
CA MET A 311 -5.92 3.63 -10.83
C MET A 311 -6.94 2.52 -11.11
N GLU A 312 -7.23 1.70 -10.10
CA GLU A 312 -8.20 0.62 -10.26
C GLU A 312 -9.13 0.60 -9.06
N GLN A 313 -10.43 0.74 -9.32
CA GLN A 313 -11.44 0.74 -8.26
C GLN A 313 -12.45 -0.36 -8.53
N GLN A 314 -12.72 -1.18 -7.50
CA GLN A 314 -13.67 -2.27 -7.64
C GLN A 314 -15.05 -1.72 -7.98
N PRO A 315 -15.68 -2.25 -9.05
CA PRO A 315 -17.00 -1.75 -9.44
C PRO A 315 -18.08 -2.82 -9.24
N GLY A 316 -17.64 -4.00 -8.83
CA GLY A 316 -18.54 -5.12 -8.61
C GLY A 316 -17.75 -6.29 -8.04
N PRO A 317 -18.30 -7.51 -8.07
CA PRO A 317 -17.56 -8.66 -7.52
C PRO A 317 -16.29 -8.99 -8.30
N VAL A 318 -15.27 -9.46 -7.59
CA VAL A 318 -14.00 -9.85 -8.23
C VAL A 318 -13.98 -11.36 -8.38
N ASN A 319 -12.86 -11.89 -8.84
CA ASN A 319 -12.73 -13.33 -9.08
C ASN A 319 -11.70 -14.07 -8.25
N TRP A 320 -10.79 -13.34 -7.62
CA TRP A 320 -9.68 -13.97 -6.93
C TRP A 320 -9.67 -14.28 -5.43
N ALA A 321 -10.69 -13.85 -4.69
CA ALA A 321 -10.72 -14.13 -3.26
C ALA A 321 -11.43 -15.46 -2.99
N PRO A 322 -11.23 -16.04 -1.78
CA PRO A 322 -11.92 -17.30 -1.52
C PRO A 322 -13.43 -17.08 -1.62
N HIS A 323 -13.88 -15.87 -1.26
CA HIS A 323 -15.29 -15.51 -1.34
C HIS A 323 -15.37 -14.17 -2.05
N ASN A 324 -16.25 -14.09 -3.04
CA ASN A 324 -16.38 -12.86 -3.82
C ASN A 324 -17.81 -12.34 -3.85
N PRO A 325 -18.21 -11.62 -2.79
CA PRO A 325 -19.56 -11.09 -2.73
C PRO A 325 -19.67 -9.88 -3.65
N SER A 326 -20.90 -9.45 -3.87
CA SER A 326 -21.14 -8.27 -4.68
C SER A 326 -21.09 -7.09 -3.74
N PRO A 327 -20.61 -5.93 -4.23
CA PRO A 327 -20.59 -4.78 -3.32
C PRO A 327 -22.05 -4.51 -3.02
N ALA A 328 -22.37 -4.05 -1.81
CA ALA A 328 -23.75 -3.74 -1.47
C ALA A 328 -24.18 -2.53 -2.32
N PRO A 329 -25.49 -2.33 -2.50
CA PRO A 329 -25.99 -1.20 -3.29
C PRO A 329 -25.50 0.14 -2.79
N GLY A 330 -24.72 0.85 -3.61
CA GLY A 330 -24.21 2.15 -3.20
C GLY A 330 -22.75 2.17 -2.77
N MET A 331 -22.15 1.00 -2.57
CA MET A 331 -20.76 0.93 -2.13
C MET A 331 -19.74 1.44 -3.15
N VAL A 332 -20.00 1.22 -4.43
CA VAL A 332 -19.06 1.71 -5.45
C VAL A 332 -19.02 3.23 -5.36
N ARG A 333 -20.18 3.85 -5.15
CA ARG A 333 -20.27 5.30 -5.02
C ARG A 333 -19.54 5.71 -3.74
N LEU A 334 -19.82 5.01 -2.64
CA LEU A 334 -19.18 5.31 -1.37
C LEU A 334 -17.66 5.24 -1.51
N TRP A 335 -17.15 4.12 -2.03
CA TRP A 335 -15.70 3.97 -2.19
C TRP A 335 -15.12 5.09 -3.04
N THR A 336 -15.85 5.49 -4.09
CA THR A 336 -15.39 6.54 -4.97
C THR A 336 -15.27 7.88 -4.24
N TRP A 337 -16.34 8.29 -3.56
CA TRP A 337 -16.31 9.55 -2.82
C TRP A 337 -15.29 9.50 -1.69
N GLU A 338 -15.11 8.32 -1.11
CA GLU A 338 -14.15 8.16 -0.03
C GLU A 338 -12.74 8.44 -0.58
N ALA A 339 -12.41 7.82 -1.70
CA ALA A 339 -11.11 8.01 -2.32
C ALA A 339 -10.90 9.50 -2.59
N LEU A 340 -11.91 10.15 -3.17
CA LEU A 340 -11.83 11.58 -3.47
C LEU A 340 -11.64 12.39 -2.18
N ALA A 341 -12.35 12.01 -1.12
CA ALA A 341 -12.25 12.72 0.16
C ALA A 341 -10.82 12.62 0.71
N HIS A 342 -10.17 11.49 0.46
CA HIS A 342 -8.81 11.26 0.93
C HIS A 342 -7.78 11.90 0.01
N GLY A 343 -8.25 12.67 -0.97
CA GLY A 343 -7.34 13.35 -1.88
C GLY A 343 -7.02 12.74 -3.22
N ALA A 344 -7.68 11.64 -3.61
CA ALA A 344 -7.38 11.03 -4.90
C ALA A 344 -7.72 12.00 -6.03
N GLU A 345 -6.74 12.26 -6.89
CA GLU A 345 -6.93 13.15 -8.03
C GLU A 345 -7.88 12.54 -9.05
N VAL A 346 -7.75 11.23 -9.24
CA VAL A 346 -8.58 10.49 -10.18
C VAL A 346 -8.96 9.12 -9.59
N VAL A 347 -10.17 8.68 -9.87
CA VAL A 347 -10.64 7.38 -9.44
C VAL A 347 -11.02 6.67 -10.72
N SER A 348 -10.21 5.69 -11.10
CA SER A 348 -10.41 4.92 -12.31
C SER A 348 -10.89 3.51 -11.98
N TYR A 349 -11.99 3.10 -12.61
CA TYR A 349 -12.56 1.79 -12.36
C TYR A 349 -11.99 0.69 -13.25
N PHE A 350 -11.81 -0.48 -12.65
CA PHE A 350 -11.36 -1.65 -13.39
C PHE A 350 -12.60 -2.54 -13.31
N ARG A 351 -13.27 -2.81 -14.43
CA ARG A 351 -12.91 -2.32 -15.76
C ARG A 351 -14.17 -1.88 -16.49
N TRP A 352 -14.02 -1.37 -17.71
CA TRP A 352 -15.16 -0.90 -18.49
C TRP A 352 -16.22 -1.96 -18.72
N ARG A 353 -15.81 -3.14 -19.19
CA ARG A 353 -16.77 -4.21 -19.46
C ARG A 353 -16.21 -5.57 -19.04
N GLN A 354 -17.05 -6.37 -18.40
CA GLN A 354 -16.66 -7.71 -17.95
C GLN A 354 -16.25 -8.57 -19.14
N ALA A 355 -15.08 -9.20 -19.05
CA ALA A 355 -14.60 -10.07 -20.11
C ALA A 355 -15.32 -11.42 -20.03
N PRO A 356 -15.78 -11.95 -21.17
CA PRO A 356 -16.48 -13.23 -21.17
C PRO A 356 -15.55 -14.44 -21.29
N PHE A 357 -14.25 -14.19 -21.36
CA PHE A 357 -13.27 -15.27 -21.49
C PHE A 357 -12.05 -15.10 -20.59
N ALA A 358 -11.24 -16.15 -20.52
CA ALA A 358 -10.01 -16.15 -19.74
C ALA A 358 -10.18 -16.14 -18.22
N GLN A 359 -9.04 -15.99 -17.53
CA GLN A 359 -8.97 -16.01 -16.06
C GLN A 359 -9.92 -15.13 -15.26
N GLU A 360 -10.14 -13.90 -15.71
CA GLU A 360 -11.01 -12.99 -14.97
C GLU A 360 -12.40 -12.80 -15.56
N GLN A 361 -12.93 -13.85 -16.18
CA GLN A 361 -14.25 -13.74 -16.76
C GLN A 361 -15.30 -13.51 -15.66
N MET A 362 -14.99 -13.86 -14.42
CA MET A 362 -15.93 -13.64 -13.33
C MET A 362 -15.70 -12.29 -12.64
N HIS A 363 -14.76 -11.51 -13.14
CA HIS A 363 -14.48 -10.19 -12.56
C HIS A 363 -15.38 -9.17 -13.22
N ALA A 364 -16.31 -8.61 -12.45
CA ALA A 364 -17.26 -7.63 -12.98
C ALA A 364 -16.63 -6.33 -13.47
N GLY A 365 -17.39 -5.61 -14.28
CA GLY A 365 -16.95 -4.34 -14.80
C GLY A 365 -18.10 -3.36 -14.69
N LEU A 366 -17.95 -2.18 -15.27
CA LEU A 366 -19.01 -1.19 -15.23
C LEU A 366 -20.16 -1.67 -16.11
N HIS A 367 -19.85 -2.59 -17.03
CA HIS A 367 -20.85 -3.18 -17.92
C HIS A 367 -20.73 -4.69 -17.93
N ARG A 368 -21.85 -5.38 -18.15
CA ARG A 368 -21.84 -6.83 -18.20
C ARG A 368 -21.26 -7.25 -19.55
N PRO A 369 -21.02 -8.55 -19.75
CA PRO A 369 -20.44 -9.00 -21.03
C PRO A 369 -21.31 -8.68 -22.25
N ASP A 370 -22.61 -8.53 -22.06
CA ASP A 370 -23.50 -8.20 -23.18
C ASP A 370 -23.56 -6.69 -23.41
N SER A 371 -22.66 -5.96 -22.76
CA SER A 371 -22.57 -4.49 -22.88
C SER A 371 -23.65 -3.71 -22.15
N ALA A 372 -24.60 -4.38 -21.53
CA ALA A 372 -25.62 -3.67 -20.78
C ALA A 372 -24.92 -3.06 -19.57
N PRO A 373 -25.33 -1.86 -19.15
CA PRO A 373 -24.69 -1.25 -17.98
C PRO A 373 -24.96 -2.05 -16.71
N ASP A 374 -23.91 -2.25 -15.90
CA ASP A 374 -24.05 -2.99 -14.65
C ASP A 374 -24.28 -1.98 -13.52
N GLN A 375 -24.50 -2.49 -12.31
CA GLN A 375 -24.76 -1.63 -11.16
C GLN A 375 -23.68 -0.58 -10.92
N GLY A 376 -22.42 -0.96 -11.10
CA GLY A 376 -21.34 0.00 -10.89
C GLY A 376 -21.43 1.22 -11.79
N PHE A 377 -21.94 1.03 -13.01
CA PHE A 377 -22.05 2.12 -13.97
C PHE A 377 -22.93 3.24 -13.44
N PHE A 378 -24.13 2.89 -12.98
CA PHE A 378 -25.05 3.89 -12.46
C PHE A 378 -24.49 4.62 -11.25
N GLU A 379 -23.76 3.90 -10.40
CA GLU A 379 -23.19 4.53 -9.22
C GLU A 379 -22.07 5.49 -9.58
N ALA A 380 -21.28 5.13 -10.59
CA ALA A 380 -20.18 5.98 -11.04
C ALA A 380 -20.73 7.24 -11.72
N LYS A 381 -21.75 7.04 -12.55
CA LYS A 381 -22.38 8.15 -13.27
C LYS A 381 -22.93 9.15 -12.24
N ARG A 382 -23.50 8.62 -11.17
CA ARG A 382 -24.06 9.45 -10.09
C ARG A 382 -22.96 10.28 -9.44
N VAL A 383 -21.81 9.66 -9.20
CA VAL A 383 -20.70 10.38 -8.60
C VAL A 383 -20.22 11.48 -9.54
N ALA A 384 -20.25 11.19 -10.84
CA ALA A 384 -19.82 12.15 -11.84
C ALA A 384 -20.74 13.38 -11.81
N GLU A 385 -22.05 13.13 -11.72
CA GLU A 385 -23.03 14.21 -11.69
C GLU A 385 -22.92 15.02 -10.40
N GLU A 386 -22.64 14.33 -9.29
CA GLU A 386 -22.50 15.01 -8.01
C GLU A 386 -21.22 15.82 -7.96
N LEU A 387 -20.15 15.25 -8.48
CA LEU A 387 -18.83 15.89 -8.47
C LEU A 387 -18.81 17.17 -9.32
N ALA A 388 -19.50 17.15 -10.45
CA ALA A 388 -19.54 18.31 -11.32
C ALA A 388 -19.99 19.54 -10.57
N ALA A 389 -20.92 19.35 -9.63
CA ALA A 389 -21.45 20.45 -8.83
C ALA A 389 -20.69 20.68 -7.53
N LEU A 390 -19.71 19.83 -7.25
CA LEU A 390 -18.97 19.98 -6.01
C LEU A 390 -17.45 20.05 -6.17
N ALA A 391 -16.95 21.18 -6.62
CA ALA A 391 -15.50 21.36 -6.75
C ALA A 391 -15.01 21.17 -5.32
N LEU A 392 -13.92 20.44 -5.14
CA LEU A 392 -13.42 20.15 -3.80
C LEU A 392 -12.36 21.09 -3.22
N PRO A 393 -12.43 21.35 -1.91
CA PRO A 393 -11.45 22.21 -1.25
C PRO A 393 -10.14 21.44 -1.25
N PRO A 394 -9.03 22.12 -0.95
CA PRO A 394 -7.75 21.39 -0.96
C PRO A 394 -7.63 20.48 0.26
N VAL A 395 -6.75 19.49 0.14
CA VAL A 395 -6.48 18.56 1.23
C VAL A 395 -5.54 19.27 2.20
N ALA A 396 -5.91 19.33 3.47
CA ALA A 396 -5.07 19.97 4.49
C ALA A 396 -4.28 18.90 5.24
N GLN A 397 -3.28 19.33 6.00
CA GLN A 397 -2.46 18.40 6.77
C GLN A 397 -3.34 17.80 7.87
N ALA A 398 -3.26 16.48 8.04
CA ALA A 398 -4.07 15.82 9.07
C ALA A 398 -3.50 16.19 10.44
N PRO A 399 -4.31 16.03 11.50
CA PRO A 399 -3.82 16.36 12.85
C PRO A 399 -2.85 15.31 13.39
N VAL A 400 -2.97 14.09 12.89
CA VAL A 400 -2.12 13.00 13.35
C VAL A 400 -1.34 12.33 12.22
N ALA A 401 -0.09 12.00 12.51
CA ALA A 401 0.76 11.35 11.52
C ALA A 401 1.07 9.93 11.97
N LEU A 402 1.08 8.99 11.04
CA LEU A 402 1.39 7.61 11.34
C LEU A 402 2.64 7.27 10.55
N VAL A 403 3.71 6.90 11.26
CA VAL A 403 4.98 6.57 10.62
C VAL A 403 5.02 5.12 10.18
N PHE A 404 4.93 4.92 8.86
CA PHE A 404 4.94 3.60 8.26
C PHE A 404 6.32 3.35 7.65
N ASP A 405 6.77 2.10 7.68
CA ASP A 405 8.09 1.76 7.16
C ASP A 405 8.13 0.36 6.55
N TYR A 406 8.49 0.28 5.27
CA TYR A 406 8.58 -1.01 4.57
C TYR A 406 9.69 -1.87 5.13
N GLU A 407 10.81 -1.25 5.48
CA GLU A 407 11.94 -1.99 6.03
C GLU A 407 11.50 -2.71 7.31
N ALA A 408 10.67 -2.05 8.12
CA ALA A 408 10.17 -2.63 9.35
C ALA A 408 9.40 -3.91 9.02
N ALA A 409 8.63 -3.88 7.95
CA ALA A 409 7.85 -5.04 7.54
C ALA A 409 8.78 -6.21 7.22
N TRP A 410 9.89 -5.94 6.54
CA TRP A 410 10.84 -6.98 6.19
C TRP A 410 11.47 -7.60 7.42
N ILE A 411 11.81 -6.75 8.39
CA ILE A 411 12.43 -7.21 9.62
C ILE A 411 11.52 -8.17 10.39
N TYR A 412 10.25 -7.82 10.51
CA TYR A 412 9.31 -8.66 11.24
C TYR A 412 8.93 -9.89 10.43
N GLU A 413 9.09 -9.81 9.12
CA GLU A 413 8.81 -10.94 8.26
C GLU A 413 9.96 -11.93 8.49
N VAL A 414 11.17 -11.40 8.65
CA VAL A 414 12.36 -12.22 8.89
C VAL A 414 12.41 -12.80 10.29
N GLN A 415 11.94 -12.03 11.26
CA GLN A 415 12.00 -12.45 12.65
C GLN A 415 10.75 -12.08 13.44
N PRO A 416 9.65 -12.82 13.24
CA PRO A 416 8.43 -12.48 13.98
C PRO A 416 8.59 -12.72 15.48
N GLN A 417 9.36 -13.75 15.85
CA GLN A 417 9.63 -14.11 17.25
C GLN A 417 8.34 -14.54 17.98
N GLY A 418 7.21 -14.12 17.43
CA GLY A 418 5.90 -14.47 17.96
C GLY A 418 5.02 -14.76 16.75
N ALA A 419 4.40 -15.93 16.70
CA ALA A 419 3.58 -16.31 15.54
C ALA A 419 2.49 -15.31 15.17
N GLU A 420 1.87 -14.69 16.17
CA GLU A 420 0.82 -13.72 15.90
C GLU A 420 1.34 -12.30 15.71
N TRP A 421 2.65 -12.09 15.80
CA TRP A 421 3.17 -10.74 15.60
C TRP A 421 2.96 -10.38 14.14
N SER A 422 2.33 -9.23 13.88
CA SER A 422 2.05 -8.79 12.53
C SER A 422 2.27 -7.29 12.38
N TYR A 423 3.21 -6.90 11.52
CA TYR A 423 3.49 -5.49 11.32
C TYR A 423 2.27 -4.76 10.76
N LEU A 424 1.70 -5.28 9.67
CA LEU A 424 0.53 -4.64 9.11
C LEU A 424 -0.62 -4.65 10.10
N GLY A 425 -0.75 -5.75 10.85
CA GLY A 425 -1.81 -5.84 11.83
C GLY A 425 -1.64 -4.79 12.92
N LEU A 426 -0.40 -4.55 13.33
CA LEU A 426 -0.12 -3.55 14.37
C LEU A 426 -0.42 -2.16 13.84
N VAL A 427 0.04 -1.90 12.63
CA VAL A 427 -0.20 -0.62 11.97
C VAL A 427 -1.70 -0.38 11.83
N TYR A 428 -2.40 -1.38 11.29
CA TYR A 428 -3.83 -1.28 11.07
C TYR A 428 -4.60 -1.03 12.37
N LEU A 429 -4.15 -1.68 13.44
CA LEU A 429 -4.80 -1.53 14.73
C LEU A 429 -4.71 -0.08 15.22
N PHE A 430 -3.55 0.55 15.07
CA PHE A 430 -3.38 1.93 15.49
C PHE A 430 -4.19 2.84 14.57
N TYR A 431 -4.18 2.52 13.29
CA TYR A 431 -4.93 3.30 12.30
C TYR A 431 -6.43 3.31 12.59
N SER A 432 -7.00 2.13 12.82
CA SER A 432 -8.43 2.04 13.11
C SER A 432 -8.76 2.76 14.41
N ALA A 433 -7.82 2.74 15.35
CA ALA A 433 -8.02 3.43 16.63
C ALA A 433 -8.19 4.93 16.38
N LEU A 434 -7.34 5.49 15.54
CA LEU A 434 -7.42 6.92 15.23
C LEU A 434 -8.71 7.21 14.46
N ARG A 435 -9.01 6.35 13.49
CA ARG A 435 -10.20 6.50 12.66
C ARG A 435 -11.50 6.46 13.48
N ARG A 436 -11.54 5.59 14.49
CA ARG A 436 -12.75 5.49 15.32
C ARG A 436 -12.89 6.71 16.24
N LEU A 437 -11.85 7.53 16.33
CA LEU A 437 -11.90 8.75 17.13
C LEU A 437 -12.31 9.91 16.23
N GLY A 438 -12.55 9.60 14.96
CA GLY A 438 -12.95 10.60 14.00
C GLY A 438 -11.79 11.45 13.50
N LEU A 439 -10.57 11.01 13.80
CA LEU A 439 -9.38 11.74 13.40
C LEU A 439 -8.83 11.41 12.01
N ASP A 440 -8.40 12.45 11.29
CA ASP A 440 -7.81 12.27 9.97
C ASP A 440 -6.35 11.91 10.17
N VAL A 441 -5.80 11.10 9.26
CA VAL A 441 -4.43 10.63 9.38
C VAL A 441 -3.57 10.85 8.13
N ASP A 442 -2.30 11.16 8.35
CA ASP A 442 -1.34 11.29 7.27
C ASP A 442 -0.32 10.19 7.54
N VAL A 443 -0.02 9.38 6.53
CA VAL A 443 0.97 8.33 6.70
C VAL A 443 2.26 8.88 6.12
N VAL A 444 3.36 8.79 6.87
CA VAL A 444 4.65 9.31 6.41
C VAL A 444 5.77 8.33 6.69
N PRO A 445 6.90 8.46 5.97
CA PRO A 445 8.02 7.55 6.18
C PRO A 445 8.96 8.06 7.28
N PRO A 446 9.87 7.20 7.75
CA PRO A 446 10.80 7.62 8.80
C PRO A 446 11.64 8.77 8.22
N GLY A 447 11.99 9.76 9.03
CA GLY A 447 12.79 10.86 8.51
C GLY A 447 11.97 12.05 8.03
N ALA A 448 10.71 11.80 7.68
CA ALA A 448 9.84 12.87 7.21
C ALA A 448 9.51 13.77 8.38
N SER A 449 9.42 15.08 8.12
CA SER A 449 9.12 16.06 9.14
C SER A 449 7.74 15.86 9.77
N LEU A 450 7.70 15.97 11.10
CA LEU A 450 6.45 15.80 11.85
C LEU A 450 5.97 17.17 12.28
N ARG A 451 6.57 18.20 11.68
CA ARG A 451 6.20 19.58 11.99
C ARG A 451 4.72 19.78 11.68
N GLY A 452 4.00 20.41 12.60
CA GLY A 452 2.59 20.68 12.38
C GLY A 452 1.58 19.65 12.88
N TYR A 453 2.05 18.46 13.23
CA TYR A 453 1.15 17.43 13.71
C TYR A 453 0.91 17.58 15.21
N ALA A 454 -0.34 17.35 15.63
CA ALA A 454 -0.69 17.44 17.04
C ALA A 454 0.11 16.37 17.79
N PHE A 455 0.17 15.17 17.20
CA PHE A 455 0.96 14.07 17.76
C PHE A 455 1.15 13.02 16.68
N ALA A 456 2.13 12.15 16.87
CA ALA A 456 2.43 11.12 15.90
C ALA A 456 2.46 9.73 16.53
N VAL A 457 2.14 8.74 15.72
CA VAL A 457 2.14 7.34 16.15
C VAL A 457 3.11 6.56 15.27
N VAL A 458 3.96 5.77 15.90
CA VAL A 458 4.93 4.95 15.20
C VAL A 458 4.63 3.50 15.63
N PRO A 459 3.69 2.81 14.94
CA PRO A 459 3.34 1.44 15.28
C PRO A 459 4.56 0.62 15.70
N SER A 460 5.64 0.75 14.93
CA SER A 460 6.90 0.09 15.25
C SER A 460 7.95 0.45 14.21
N LEU A 461 9.11 0.87 14.70
CA LEU A 461 10.22 1.23 13.85
C LEU A 461 11.45 0.55 14.44
N PRO A 462 11.67 -0.73 14.08
CA PRO A 462 12.81 -1.49 14.59
C PRO A 462 14.16 -0.80 14.41
N ILE A 463 14.41 -0.29 13.20
CA ILE A 463 15.66 0.40 12.92
C ILE A 463 15.41 1.92 12.95
N VAL A 464 16.14 2.62 13.81
CA VAL A 464 15.99 4.07 13.91
C VAL A 464 17.23 4.80 13.43
N ARG A 465 17.19 5.30 12.20
CA ARG A 465 18.32 6.02 11.63
C ARG A 465 18.36 7.46 12.11
N GLU A 466 19.51 8.10 11.93
CA GLU A 466 19.70 9.48 12.34
C GLU A 466 18.62 10.43 11.82
N GLU A 467 18.28 10.32 10.54
CA GLU A 467 17.25 11.17 9.94
C GLU A 467 15.92 11.02 10.69
N ALA A 468 15.55 9.78 10.98
CA ALA A 468 14.31 9.50 11.70
C ALA A 468 14.40 10.09 13.10
N LEU A 469 15.52 9.84 13.77
CA LEU A 469 15.72 10.35 15.11
C LEU A 469 15.55 11.87 15.11
N GLU A 470 16.19 12.53 14.16
CA GLU A 470 16.11 13.99 14.04
C GLU A 470 14.66 14.46 13.90
N ALA A 471 13.91 13.80 13.02
CA ALA A 471 12.50 14.16 12.82
C ALA A 471 11.74 14.03 14.13
N PHE A 472 12.08 13.02 14.93
CA PHE A 472 11.42 12.83 16.22
C PHE A 472 11.82 13.95 17.18
N ARG A 473 13.11 14.28 17.22
CA ARG A 473 13.57 15.35 18.11
C ARG A 473 12.89 16.68 17.81
N GLU A 474 12.73 16.98 16.52
CA GLU A 474 12.11 18.22 16.07
C GLU A 474 10.58 18.19 16.13
N ALA A 475 10.01 17.07 16.59
CA ALA A 475 8.57 16.94 16.69
C ALA A 475 8.01 17.99 17.65
N GLU A 476 6.92 18.62 17.25
CA GLU A 476 6.30 19.66 18.07
C GLU A 476 5.31 19.07 19.07
N GLY A 477 4.74 17.92 18.73
CA GLY A 477 3.80 17.27 19.61
C GLY A 477 4.31 15.90 20.02
N PRO A 478 3.62 15.22 20.95
CA PRO A 478 4.01 13.89 21.42
C PRO A 478 4.18 12.86 20.31
N VAL A 479 5.07 11.91 20.55
CA VAL A 479 5.33 10.83 19.61
C VAL A 479 5.24 9.51 20.38
N LEU A 480 4.33 8.64 19.95
CA LEU A 480 4.14 7.33 20.58
C LEU A 480 4.85 6.26 19.77
N PHE A 481 5.79 5.57 20.42
CA PHE A 481 6.55 4.51 19.79
C PHE A 481 5.97 3.15 20.20
N GLY A 482 5.70 2.31 19.20
CA GLY A 482 5.15 1.00 19.46
C GLY A 482 6.23 0.00 19.88
N PRO A 483 5.83 -1.19 20.36
CA PRO A 483 6.80 -2.20 20.79
C PRO A 483 7.80 -2.61 19.72
N ARG A 484 9.01 -2.98 20.17
CA ARG A 484 10.11 -3.40 19.30
C ARG A 484 10.77 -2.26 18.54
N SER A 485 10.33 -1.02 18.78
CA SER A 485 10.94 0.13 18.12
C SER A 485 12.38 0.27 18.57
N GLY A 486 13.28 0.57 17.63
CA GLY A 486 14.69 0.73 17.96
C GLY A 486 15.33 -0.52 18.53
N SER A 487 14.80 -1.68 18.16
CA SER A 487 15.34 -2.94 18.68
C SER A 487 16.39 -3.58 17.78
N LYS A 488 16.63 -2.99 16.62
CA LYS A 488 17.61 -3.53 15.67
C LYS A 488 18.53 -2.46 15.06
N THR A 489 19.75 -2.86 14.75
CA THR A 489 20.70 -1.97 14.11
C THR A 489 20.45 -2.17 12.61
N GLU A 490 21.11 -1.36 11.79
CA GLU A 490 20.94 -1.47 10.34
C GLU A 490 21.34 -2.84 9.81
N THR A 491 22.21 -3.54 10.55
CA THR A 491 22.68 -4.85 10.13
C THR A 491 21.94 -5.99 10.80
N PHE A 492 20.77 -5.70 11.34
CA PHE A 492 19.95 -6.70 12.00
C PHE A 492 20.63 -7.31 13.21
N GLN A 493 21.14 -6.45 14.08
CA GLN A 493 21.77 -6.90 15.31
C GLN A 493 21.08 -6.17 16.45
N ILE A 494 21.24 -6.66 17.67
CA ILE A 494 20.64 -6.00 18.81
C ILE A 494 21.56 -4.83 19.16
N PRO A 495 21.00 -3.62 19.31
CA PRO A 495 21.85 -2.47 19.65
C PRO A 495 22.67 -2.77 20.91
N LYS A 496 23.91 -2.27 20.95
CA LYS A 496 24.79 -2.48 22.08
C LYS A 496 24.13 -1.99 23.37
N GLU A 497 23.31 -0.96 23.25
CA GLU A 497 22.62 -0.37 24.39
C GLU A 497 21.29 -1.08 24.63
N LEU A 498 21.00 -2.08 23.80
CA LEU A 498 19.75 -2.85 23.85
C LEU A 498 18.60 -1.98 23.35
N PRO A 499 17.45 -2.60 23.00
CA PRO A 499 16.33 -1.78 22.52
C PRO A 499 15.96 -0.86 23.69
N PRO A 500 15.36 0.31 23.41
CA PRO A 500 15.01 0.83 22.09
C PRO A 500 16.15 1.54 21.33
N GLY A 501 17.38 1.09 21.56
CA GLY A 501 18.54 1.65 20.88
C GLY A 501 18.65 3.17 20.84
N PRO A 502 18.77 3.76 19.64
CA PRO A 502 18.89 5.21 19.48
C PRO A 502 17.81 6.00 20.22
N LEU A 503 16.63 5.41 20.37
CA LEU A 503 15.54 6.08 21.06
C LEU A 503 15.86 6.31 22.54
N GLN A 504 16.91 5.67 23.05
CA GLN A 504 17.28 5.88 24.45
C GLN A 504 17.82 7.28 24.67
N ALA A 505 18.03 8.01 23.58
CA ALA A 505 18.51 9.39 23.68
C ALA A 505 17.30 10.26 23.99
N LEU A 506 16.12 9.69 23.82
CA LEU A 506 14.86 10.40 24.07
C LEU A 506 14.12 9.82 25.28
N LEU A 507 14.21 8.51 25.45
CA LEU A 507 13.54 7.82 26.55
C LEU A 507 14.56 7.05 27.38
N PRO A 508 14.61 7.34 28.69
CA PRO A 508 15.56 6.65 29.58
C PRO A 508 15.02 5.29 30.02
N LEU A 509 15.03 4.32 29.12
CA LEU A 509 14.54 2.99 29.43
C LEU A 509 15.21 1.95 28.52
N LYS A 510 15.29 0.71 29.01
CA LYS A 510 15.89 -0.39 28.27
C LYS A 510 14.97 -1.61 28.28
N VAL A 511 14.89 -2.29 27.15
CA VAL A 511 14.08 -3.52 27.07
C VAL A 511 15.09 -4.63 27.30
N VAL A 512 15.05 -5.25 28.48
CA VAL A 512 15.98 -6.30 28.82
C VAL A 512 15.53 -7.72 28.45
N ARG A 513 14.27 -7.85 28.06
CA ARG A 513 13.72 -9.15 27.66
C ARG A 513 12.37 -8.96 26.98
N VAL A 514 12.06 -9.84 26.03
CA VAL A 514 10.76 -9.77 25.36
C VAL A 514 10.12 -11.16 25.42
N GLU A 515 8.80 -11.20 25.31
CA GLU A 515 8.06 -12.45 25.34
C GLU A 515 7.02 -12.46 24.23
N SER A 516 6.83 -13.64 23.62
CA SER A 516 5.77 -13.80 22.63
C SER A 516 4.92 -14.84 23.37
N LEU A 517 3.63 -14.53 23.50
CA LEU A 517 2.71 -15.38 24.24
C LEU A 517 1.63 -16.03 23.39
N PRO A 518 1.19 -17.23 23.78
CA PRO A 518 0.15 -17.96 23.04
C PRO A 518 -1.20 -17.25 23.11
N PRO A 519 -2.00 -17.32 22.04
CA PRO A 519 -3.30 -16.66 22.06
C PRO A 519 -4.16 -17.11 23.25
N GLY A 520 -4.86 -16.17 23.87
CA GLY A 520 -5.69 -16.50 25.01
C GLY A 520 -5.00 -16.16 26.32
N LEU A 521 -3.67 -16.06 26.30
CA LEU A 521 -2.93 -15.72 27.51
C LEU A 521 -2.94 -14.21 27.65
N LEU A 522 -3.75 -13.72 28.58
CA LEU A 522 -3.88 -12.29 28.81
C LEU A 522 -3.59 -11.91 30.26
N GLU A 523 -3.06 -10.71 30.45
CA GLU A 523 -2.78 -10.19 31.79
C GLU A 523 -3.15 -8.72 31.77
N VAL A 524 -3.86 -8.28 32.79
CA VAL A 524 -4.28 -6.89 32.89
C VAL A 524 -3.16 -5.91 33.15
N ALA A 525 -3.13 -4.86 32.34
CA ALA A 525 -2.16 -3.78 32.51
C ALA A 525 -3.10 -2.65 32.96
N GLU A 526 -2.79 -2.00 34.06
CA GLU A 526 -3.67 -0.96 34.56
C GLU A 526 -2.99 0.30 35.03
N GLY A 527 -3.78 1.38 35.08
CA GLY A 527 -3.28 2.68 35.50
C GLY A 527 -4.39 3.70 35.33
N ALA A 528 -4.04 4.98 35.35
CA ALA A 528 -5.03 6.04 35.20
C ALA A 528 -5.87 5.93 33.92
N LEU A 529 -5.28 5.41 32.85
CA LEU A 529 -5.98 5.27 31.56
C LEU A 529 -7.07 4.19 31.59
N GLY A 530 -6.90 3.21 32.47
CA GLY A 530 -7.87 2.14 32.56
C GLY A 530 -7.24 0.78 32.86
N ARG A 531 -8.01 -0.27 32.60
CA ARG A 531 -7.56 -1.65 32.82
C ARG A 531 -7.62 -2.33 31.48
N PHE A 532 -6.50 -2.93 31.06
CA PHE A 532 -6.43 -3.55 29.75
C PHE A 532 -5.84 -4.95 29.70
N PRO A 533 -6.66 -5.95 29.37
CA PRO A 533 -6.13 -7.32 29.28
C PRO A 533 -5.28 -7.30 28.01
N LEU A 534 -4.00 -7.64 28.14
CA LEU A 534 -3.10 -7.64 26.98
C LEU A 534 -2.37 -8.97 26.84
N GLY A 535 -1.93 -9.28 25.63
CA GLY A 535 -1.23 -10.52 25.39
C GLY A 535 -0.38 -10.44 24.13
N LEU A 536 -0.11 -11.60 23.54
CA LEU A 536 0.65 -11.71 22.31
C LEU A 536 2.13 -11.33 22.41
N TRP A 537 2.40 -10.10 22.84
CA TRP A 537 3.77 -9.61 22.97
C TRP A 537 3.94 -8.75 24.21
N ARG A 538 5.01 -9.01 24.94
CA ARG A 538 5.26 -8.27 26.17
C ARG A 538 6.76 -8.06 26.38
N GLU A 539 7.14 -6.88 26.84
CA GLU A 539 8.55 -6.57 27.05
C GLU A 539 8.86 -6.19 28.49
N TRP A 540 10.03 -6.60 28.96
CA TRP A 540 10.47 -6.28 30.31
C TRP A 540 11.28 -4.99 30.17
N VAL A 541 10.80 -3.93 30.80
CA VAL A 541 11.50 -2.65 30.71
C VAL A 541 12.20 -2.32 32.02
N GLU A 542 13.48 -1.97 31.90
CA GLU A 542 14.30 -1.57 33.02
C GLU A 542 14.36 -0.05 32.89
N ALA A 543 13.85 0.67 33.89
CA ALA A 543 13.87 2.12 33.81
C ALA A 543 13.54 2.79 35.12
N PRO A 544 14.00 4.05 35.29
CA PRO A 544 13.75 4.83 36.51
C PRO A 544 12.37 5.46 36.42
N LEU A 545 11.76 5.35 35.24
CA LEU A 545 10.45 5.90 34.99
C LEU A 545 9.32 5.12 35.66
N LYS A 546 8.32 5.85 36.12
CA LYS A 546 7.14 5.25 36.74
C LYS A 546 6.21 4.93 35.56
N PRO A 547 5.95 3.64 35.30
CA PRO A 547 5.07 3.31 34.18
C PRO A 547 3.66 3.90 34.31
N LEU A 548 3.04 4.21 33.18
CA LEU A 548 1.69 4.76 33.18
C LEU A 548 0.68 3.62 33.32
N LEU A 549 1.10 2.44 32.89
CA LEU A 549 0.28 1.22 32.97
C LEU A 549 1.19 0.12 33.50
N THR A 550 0.68 -0.66 34.44
CA THR A 550 1.47 -1.71 35.05
C THR A 550 0.76 -3.06 35.07
N PHE A 551 1.51 -4.12 34.76
CA PHE A 551 0.95 -5.46 34.79
C PHE A 551 0.85 -5.93 36.22
N GLN A 552 0.21 -7.08 36.43
CA GLN A 552 0.02 -7.62 37.77
C GLN A 552 1.31 -7.96 38.49
N ASP A 553 2.38 -8.22 37.75
CA ASP A 553 3.66 -8.53 38.38
C ASP A 553 4.46 -7.27 38.64
N GLY A 554 3.87 -6.11 38.38
CA GLY A 554 4.56 -4.86 38.62
C GLY A 554 5.38 -4.32 37.47
N LYS A 555 5.49 -5.07 36.37
CA LYS A 555 6.27 -4.61 35.23
C LYS A 555 5.47 -3.60 34.41
N GLY A 556 6.15 -2.56 33.92
CA GLY A 556 5.49 -1.52 33.14
C GLY A 556 5.10 -1.94 31.74
N ALA A 557 3.99 -1.40 31.26
CA ALA A 557 3.50 -1.70 29.92
C ALA A 557 3.53 -0.47 29.02
N LEU A 558 3.53 0.71 29.63
CA LEU A 558 3.54 1.97 28.91
C LEU A 558 4.32 3.01 29.70
N TYR A 559 5.26 3.66 29.04
CA TYR A 559 6.09 4.67 29.68
C TYR A 559 6.05 5.99 28.90
N ARG A 560 6.44 7.07 29.58
CA ARG A 560 6.49 8.39 28.97
C ARG A 560 7.53 9.28 29.63
N GLU A 561 8.19 10.09 28.81
CA GLU A 561 9.19 11.04 29.28
C GLU A 561 9.11 12.20 28.32
N GLY A 562 8.61 13.34 28.81
CA GLY A 562 8.48 14.50 27.96
C GLY A 562 7.40 14.26 26.91
N ARG A 563 7.73 14.51 25.65
CA ARG A 563 6.77 14.34 24.57
C ARG A 563 6.84 12.93 23.97
N TYR A 564 7.68 12.07 24.52
CA TYR A 564 7.83 10.72 23.99
C TYR A 564 7.24 9.61 24.85
N LEU A 565 6.50 8.72 24.19
CA LEU A 565 5.90 7.59 24.89
C LEU A 565 6.37 6.28 24.27
N TYR A 566 6.41 5.23 25.08
CA TYR A 566 6.84 3.93 24.62
C TYR A 566 5.88 2.85 25.13
N LEU A 567 5.35 2.06 24.22
CA LEU A 567 4.43 0.97 24.57
C LEU A 567 5.21 -0.34 24.57
N ALA A 568 5.32 -0.98 25.73
CA ALA A 568 6.05 -2.23 25.88
C ALA A 568 5.23 -3.51 25.74
N ALA A 569 4.10 -3.43 25.04
CA ALA A 569 3.24 -4.59 24.85
C ALA A 569 2.35 -4.44 23.62
N TRP A 570 1.88 -5.55 23.08
CA TRP A 570 0.99 -5.50 21.92
C TRP A 570 -0.29 -4.86 22.43
N PRO A 571 -0.77 -3.80 21.77
CA PRO A 571 -1.99 -3.14 22.23
C PRO A 571 -3.27 -3.81 21.77
N SER A 572 -4.31 -3.64 22.58
CA SER A 572 -5.63 -4.15 22.24
C SER A 572 -6.28 -2.94 21.60
N PRO A 573 -7.37 -3.15 20.85
CA PRO A 573 -8.03 -2.00 20.21
C PRO A 573 -8.50 -1.02 21.30
N GLU A 574 -8.91 -1.55 22.44
CA GLU A 574 -9.37 -0.73 23.55
C GLU A 574 -8.24 0.18 24.07
N LEU A 575 -7.07 -0.37 24.30
CA LEU A 575 -5.95 0.43 24.81
C LEU A 575 -5.55 1.49 23.78
N ALA A 576 -5.42 1.07 22.52
CA ALA A 576 -5.04 1.98 21.45
C ALA A 576 -6.00 3.16 21.39
N GLY A 577 -7.29 2.86 21.52
CA GLY A 577 -8.30 3.90 21.49
C GLY A 577 -8.22 4.88 22.65
N ARG A 578 -8.04 4.37 23.86
CA ARG A 578 -7.95 5.24 25.03
C ARG A 578 -6.64 6.01 25.08
N LEU A 579 -5.55 5.35 24.72
CA LEU A 579 -4.27 6.02 24.72
C LEU A 579 -4.28 7.16 23.70
N LEU A 580 -4.74 6.85 22.49
CA LEU A 580 -4.80 7.85 21.43
C LEU A 580 -5.79 8.96 21.78
N SER A 581 -6.89 8.62 22.42
CA SER A 581 -7.88 9.62 22.81
C SER A 581 -7.23 10.57 23.82
N ALA A 582 -6.53 10.02 24.80
CA ALA A 582 -5.87 10.84 25.81
C ALA A 582 -4.87 11.81 25.16
N LEU A 583 -4.10 11.30 24.19
CA LEU A 583 -3.12 12.15 23.50
C LEU A 583 -3.82 13.27 22.73
N ALA A 584 -4.91 12.93 22.05
CA ALA A 584 -5.65 13.92 21.28
C ALA A 584 -6.13 15.05 22.19
N ALA A 585 -6.71 14.69 23.32
CA ALA A 585 -7.22 15.67 24.28
C ALA A 585 -6.09 16.59 24.76
N GLU A 586 -4.98 15.97 25.16
CA GLU A 586 -3.83 16.74 25.64
C GLU A 586 -3.35 17.72 24.57
N ALA A 587 -3.48 17.32 23.31
CA ALA A 587 -3.06 18.17 22.20
C ALA A 587 -4.12 19.20 21.85
N GLY A 588 -5.24 19.17 22.56
CA GLY A 588 -6.31 20.12 22.29
C GLY A 588 -7.17 19.71 21.11
N LEU A 589 -7.02 18.47 20.67
CA LEU A 589 -7.81 17.96 19.55
C LEU A 589 -9.13 17.44 20.09
N LYS A 590 -10.20 17.69 19.36
CA LYS A 590 -11.51 17.22 19.76
C LYS A 590 -11.66 15.83 19.15
N VAL A 591 -12.30 14.92 19.88
CA VAL A 591 -12.49 13.57 19.37
C VAL A 591 -13.94 13.12 19.51
N LEU A 592 -14.32 12.14 18.70
CA LEU A 592 -15.67 11.62 18.70
C LEU A 592 -15.62 10.10 18.86
N SER A 593 -16.58 9.56 19.60
CA SER A 593 -16.65 8.11 19.77
C SER A 593 -17.59 7.62 18.69
N LEU A 594 -17.07 7.50 17.47
CA LEU A 594 -17.88 7.05 16.34
C LEU A 594 -18.38 5.62 16.46
N PRO A 595 -19.62 5.38 16.02
CA PRO A 595 -20.17 4.02 16.09
C PRO A 595 -19.34 3.13 15.15
N GLU A 596 -19.38 1.81 15.39
CA GLU A 596 -18.61 0.84 14.61
C GLU A 596 -18.51 1.00 13.09
N GLY A 597 -19.64 1.29 12.43
CA GLY A 597 -19.61 1.42 10.99
C GLY A 597 -19.47 2.79 10.36
N LEU A 598 -19.28 3.82 11.19
CA LEU A 598 -19.15 5.18 10.67
C LEU A 598 -17.71 5.67 10.63
N ARG A 599 -17.37 6.39 9.55
CA ARG A 599 -16.04 6.94 9.39
C ARG A 599 -16.11 8.37 8.86
N LEU A 600 -15.14 9.18 9.25
CA LEU A 600 -15.10 10.57 8.82
C LEU A 600 -13.75 10.89 8.17
N ARG A 601 -13.78 11.87 7.28
CA ARG A 601 -12.59 12.33 6.58
C ARG A 601 -12.88 13.76 6.16
N ARG A 602 -11.95 14.66 6.45
CA ARG A 602 -12.16 16.05 6.09
C ARG A 602 -11.39 16.41 4.84
N ARG A 603 -11.80 17.52 4.25
CA ARG A 603 -11.16 18.08 3.08
C ARG A 603 -11.52 19.56 3.17
N GLY A 604 -10.53 20.38 3.52
CA GLY A 604 -10.80 21.80 3.67
C GLY A 604 -11.69 21.95 4.89
N THR A 605 -12.77 22.73 4.75
CA THR A 605 -13.70 22.90 5.86
C THR A 605 -14.83 21.87 5.78
N TRP A 606 -14.80 21.04 4.73
CA TRP A 606 -15.83 20.02 4.55
C TRP A 606 -15.53 18.75 5.33
N VAL A 607 -16.59 18.05 5.71
CA VAL A 607 -16.46 16.79 6.42
C VAL A 607 -17.31 15.74 5.70
N PHE A 608 -16.70 14.59 5.43
CA PHE A 608 -17.38 13.49 4.77
C PHE A 608 -17.67 12.42 5.81
N ALA A 609 -18.87 11.86 5.76
CA ALA A 609 -19.27 10.79 6.68
C ALA A 609 -19.67 9.59 5.82
N PHE A 610 -18.97 8.47 6.01
CA PHE A 610 -19.24 7.24 5.27
C PHE A 610 -19.80 6.17 6.19
N ASN A 611 -20.98 5.65 5.84
CA ASN A 611 -21.62 4.63 6.66
C ASN A 611 -21.51 3.24 6.05
N TYR A 612 -20.66 2.41 6.63
CA TYR A 612 -20.46 1.05 6.14
C TYR A 612 -21.58 0.08 6.54
N GLY A 613 -22.65 0.61 7.11
CA GLY A 613 -23.81 -0.21 7.48
C GLY A 613 -23.66 -1.10 8.69
N PRO A 614 -24.59 -2.04 8.91
CA PRO A 614 -25.76 -2.32 8.08
C PRO A 614 -26.98 -1.42 8.33
N GLU A 615 -26.92 -0.59 9.36
CA GLU A 615 -28.04 0.29 9.66
C GLU A 615 -27.67 1.76 9.56
N ALA A 616 -28.69 2.60 9.49
CA ALA A 616 -28.50 4.04 9.40
C ALA A 616 -27.86 4.59 10.67
N VAL A 617 -27.16 5.71 10.55
CA VAL A 617 -26.52 6.35 11.69
C VAL A 617 -26.55 7.87 11.47
N GLU A 618 -26.43 8.62 12.56
CA GLU A 618 -26.44 10.07 12.43
C GLU A 618 -25.02 10.63 12.30
N ALA A 619 -24.85 11.53 11.35
CA ALA A 619 -23.55 12.15 11.13
C ALA A 619 -23.36 13.18 12.25
N PRO A 620 -22.22 13.12 12.95
CA PRO A 620 -21.92 14.06 14.04
C PRO A 620 -21.51 15.43 13.50
N ALA A 621 -22.41 16.05 12.77
CA ALA A 621 -22.14 17.37 12.18
C ALA A 621 -22.50 18.45 13.20
N SER A 622 -21.71 19.52 13.24
CA SER A 622 -21.99 20.62 14.16
C SER A 622 -23.37 21.20 13.83
N GLU A 623 -23.96 21.89 14.79
CA GLU A 623 -25.27 22.46 14.59
C GLU A 623 -25.24 23.56 13.52
N GLY A 624 -26.30 23.61 12.71
CA GLY A 624 -26.36 24.61 11.65
C GLY A 624 -25.44 24.30 10.49
N ALA A 625 -24.79 23.14 10.54
CA ALA A 625 -23.90 22.72 9.47
C ALA A 625 -24.68 22.72 8.16
N ARG A 626 -24.02 23.11 7.08
CA ARG A 626 -24.66 23.15 5.76
C ARG A 626 -24.26 21.91 4.96
N PHE A 627 -25.23 21.06 4.68
CA PHE A 627 -24.97 19.83 3.93
C PHE A 627 -24.84 20.05 2.44
N LEU A 628 -23.73 19.57 1.87
CA LEU A 628 -23.48 19.68 0.44
C LEU A 628 -24.03 18.45 -0.27
N LEU A 629 -24.03 17.32 0.43
CA LEU A 629 -24.50 16.07 -0.16
C LEU A 629 -25.07 15.18 0.94
N GLY A 630 -26.18 14.53 0.66
CA GLY A 630 -26.79 13.66 1.65
C GLY A 630 -27.47 14.42 2.78
N SER A 631 -27.71 13.72 3.88
CA SER A 631 -28.38 14.29 5.04
C SER A 631 -27.75 13.82 6.34
N ARG A 632 -28.11 14.47 7.45
CA ARG A 632 -27.58 14.12 8.76
C ARG A 632 -27.79 12.63 9.02
N ARG A 633 -28.93 12.10 8.59
CA ARG A 633 -29.20 10.68 8.76
C ARG A 633 -28.58 9.98 7.57
N VAL A 634 -27.53 9.22 7.81
CA VAL A 634 -26.83 8.53 6.74
C VAL A 634 -27.24 7.06 6.63
N GLY A 635 -27.95 6.72 5.56
CA GLY A 635 -28.38 5.35 5.37
C GLY A 635 -27.18 4.43 5.20
N PRO A 636 -27.37 3.11 5.34
CA PRO A 636 -26.23 2.20 5.17
C PRO A 636 -25.74 2.25 3.73
N TYR A 637 -24.43 2.06 3.54
CA TYR A 637 -23.82 2.08 2.21
C TYR A 637 -24.02 3.46 1.57
N ASP A 638 -24.24 4.47 2.38
CA ASP A 638 -24.45 5.83 1.87
C ASP A 638 -23.52 6.82 2.57
N LEU A 639 -23.61 8.09 2.19
CA LEU A 639 -22.72 9.09 2.78
C LEU A 639 -23.33 10.48 2.89
N ALA A 640 -22.57 11.38 3.51
CA ALA A 640 -22.99 12.77 3.69
C ALA A 640 -21.74 13.65 3.64
N VAL A 641 -21.92 14.88 3.18
CA VAL A 641 -20.84 15.85 3.08
C VAL A 641 -21.42 17.19 3.56
N TRP A 642 -20.72 17.84 4.47
CA TRP A 642 -21.21 19.11 4.99
C TRP A 642 -20.08 20.07 5.37
N GLU A 643 -20.48 21.32 5.56
CA GLU A 643 -19.57 22.41 5.95
C GLU A 643 -19.58 22.51 7.46
N GLU A 644 -18.42 22.31 8.07
CA GLU A 644 -18.29 22.37 9.53
C GLU A 644 -17.60 23.66 9.96
C1 GAL B . -4.95 -6.08 -10.22
C2 GAL B . -4.53 -6.01 -11.71
C3 GAL B . -5.73 -5.99 -12.66
C4 GAL B . -6.77 -7.05 -12.28
C5 GAL B . -7.13 -6.90 -10.80
C6 GAL B . -8.15 -7.95 -10.36
O1 GAL B . -5.46 -4.86 -9.82
O2 GAL B . -3.75 -4.85 -11.92
O3 GAL B . -5.28 -6.22 -13.99
O4 GAL B . -6.24 -8.35 -12.51
O5 GAL B . -5.95 -7.09 -9.99
O6 GAL B . -9.11 -7.39 -9.49
CL CL C . -12.92 -3.40 -21.04
C ACT D . -4.71 -9.27 21.80
O ACT D . -3.99 -10.07 22.55
OXT ACT D . -4.93 -8.02 22.01
CH3 ACT D . -5.40 -9.77 20.57
C ACT E . -0.88 10.48 28.64
O ACT E . -1.65 11.33 28.01
OXT ACT E . 0.37 10.62 28.85
CH3 ACT E . -1.43 9.21 29.22
ZN ZN F . 15.16 -15.09 -12.07
C1 MPD G . -2.32 -8.98 5.19
C2 MPD G . -3.05 -8.96 6.52
O2 MPD G . -4.43 -9.23 6.20
CM MPD G . -2.52 -10.01 7.42
C3 MPD G . -2.96 -7.59 7.25
C4 MPD G . -4.24 -7.03 7.87
O4 MPD G . -4.77 -7.90 8.84
C5 MPD G . -3.98 -5.71 8.54
C1 MPD H . -12.78 -0.02 21.09
C2 MPD H . -12.70 1.18 20.18
O2 MPD H . -13.47 0.86 19.01
CM MPD H . -13.26 2.41 20.82
C3 MPD H . -11.26 1.50 19.73
C4 MPD H . -10.61 0.57 18.69
O4 MPD H . -11.32 0.57 17.45
C5 MPD H . -9.21 1.02 18.39
#